data_9E6H
#
_entry.id   9E6H
#
_cell.length_a   1.00
_cell.length_b   1.00
_cell.length_c   1.00
_cell.angle_alpha   90.00
_cell.angle_beta   90.00
_cell.angle_gamma   90.00
#
_symmetry.space_group_name_H-M   'P 1'
#
loop_
_entity.id
_entity.type
_entity.pdbx_description
1 polymer 'Seed leukoagglutinin'
2 branched alpha-D-mannopyranose-(1-3)-beta-D-mannopyranose-(1-4)-2-acetamido-2-deoxy-beta-D-glucopyranose-(1-4)-2-acetamido-2-deoxy-beta-D-glucopyranose
3 branched alpha-D-mannopyranose-(1-3)-[alpha-D-mannopyranose-(1-6)]beta-D-mannopyranose-(1-4)-2-acetamido-2-deoxy-beta-D-glucopyranose-(1-4)-2-acetamido-2-deoxy-beta-D-glucopyranose
4 non-polymer 2-acetamido-2-deoxy-beta-D-glucopyranose
5 non-polymer 'CALCIUM ION'
6 non-polymer 'MANGANESE (II) ION'
#
_entity_poly.entity_id   1
_entity_poly.type   'polypeptide(L)'
_entity_poly.pdbx_seq_one_letter_code
;MATSNSKPTQVLLATFLTFFFLLLNNVNSSDELSFTINNFVPNEADLLFQGEASVSSTGVLQLTRVENGQPQQYSVGRAL
YAAPVRIWDNTTGSVASFSTSFTFVVKAPNPDITSDGLAFYLAPPDSQIPSGSVSKYLGLFNNSNSDSSNQIVAVEFDTY
FGHSYDPWDPNYRHIGIDVNGIESIKTVQWDWINGGVAFATITYLAPNKTLIASLVYPSNQTTFSVAASVDLKEILPEWV
RVGFSAATGYPTEVETHDVLSWSFTSTLEANCDAATENNVHIARYTA
;
_entity_poly.pdbx_strand_id   A,B,C,D
#
# COMPACT_ATOMS: atom_id res chain seq x y z
N SER A 30 3.76 12.96 -5.28
CA SER A 30 2.89 13.84 -6.12
C SER A 30 1.58 13.13 -6.45
N ASP A 31 1.65 12.19 -7.40
CA ASP A 31 0.46 11.44 -7.77
C ASP A 31 -0.06 10.61 -6.60
N GLU A 32 0.84 9.97 -5.86
CA GLU A 32 0.49 9.20 -4.67
C GLU A 32 1.50 9.50 -3.59
N LEU A 33 1.01 9.66 -2.36
CA LEU A 33 1.88 9.92 -1.21
C LEU A 33 1.22 9.33 0.03
N SER A 34 1.95 8.45 0.70
CA SER A 34 1.47 7.80 1.92
C SER A 34 2.60 7.70 2.92
N PHE A 35 2.31 8.08 4.18
CA PHE A 35 3.28 7.93 5.26
C PHE A 35 2.53 7.64 6.55
N THR A 36 3.29 7.11 7.51
CA THR A 36 2.74 6.74 8.81
C THR A 36 3.81 6.99 9.87
N ILE A 37 3.44 7.67 10.94
CA ILE A 37 4.33 7.97 12.07
C ILE A 37 3.62 7.43 13.30
N ASN A 38 4.04 6.25 13.77
CA ASN A 38 3.48 5.69 14.99
C ASN A 38 4.05 6.37 16.23
N ASN A 39 5.34 6.75 16.18
CA ASN A 39 5.99 7.43 17.29
C ASN A 39 6.82 8.58 16.76
N PHE A 40 6.99 9.60 17.60
CA PHE A 40 7.74 10.80 17.24
C PHE A 40 9.06 10.83 18.00
N VAL A 41 9.99 11.63 17.48
CA VAL A 41 11.32 11.77 18.08
C VAL A 41 11.63 13.26 18.24
N PRO A 42 12.48 13.64 19.19
CA PRO A 42 12.84 15.06 19.31
C PRO A 42 13.52 15.58 18.05
N ASN A 43 13.20 16.83 17.72
CA ASN A 43 13.79 17.51 16.56
C ASN A 43 13.62 16.67 15.29
N GLU A 44 12.39 16.18 15.09
CA GLU A 44 12.09 15.35 13.93
C GLU A 44 12.32 16.14 12.65
N ALA A 45 12.99 15.51 11.69
CA ALA A 45 13.43 16.22 10.49
C ALA A 45 12.29 16.46 9.52
N ASP A 46 11.39 15.49 9.37
CA ASP A 46 10.33 15.57 8.37
C ASP A 46 9.13 16.38 8.84
N LEU A 47 9.22 17.03 10.00
CA LEU A 47 8.16 17.88 10.53
C LEU A 47 8.69 19.30 10.67
N LEU A 48 7.95 20.26 10.13
CA LEU A 48 8.27 21.67 10.25
C LEU A 48 7.43 22.27 11.37
N PHE A 49 8.10 22.89 12.34
CA PHE A 49 7.45 23.44 13.52
C PHE A 49 7.44 24.96 13.44
N GLN A 50 6.28 25.55 13.69
CA GLN A 50 6.11 26.99 13.78
C GLN A 50 5.51 27.32 15.14
N GLY A 51 6.01 28.38 15.76
CA GLY A 51 5.58 28.74 17.09
C GLY A 51 6.42 28.05 18.15
N GLU A 52 5.75 27.47 19.13
CA GLU A 52 6.40 26.83 20.26
C GLU A 52 6.15 25.33 20.32
N ALA A 53 5.73 24.72 19.21
CA ALA A 53 5.52 23.28 19.18
C ALA A 53 6.84 22.53 19.28
N SER A 54 6.81 21.38 19.93
CA SER A 54 8.01 20.57 20.12
C SER A 54 7.60 19.13 20.37
N VAL A 55 8.60 18.25 20.34
CA VAL A 55 8.42 16.82 20.59
C VAL A 55 9.16 16.47 21.87
N SER A 56 8.47 15.79 22.77
CA SER A 56 9.05 15.44 24.07
C SER A 56 10.03 14.29 23.93
N SER A 57 10.82 14.08 24.98
CA SER A 57 11.75 12.95 25.01
C SER A 57 11.01 11.62 24.99
N THR A 58 9.82 11.56 25.60
CA THR A 58 9.04 10.33 25.63
C THR A 58 8.48 9.96 24.27
N GLY A 59 8.51 10.85 23.30
CA GLY A 59 8.04 10.57 21.96
C GLY A 59 6.63 11.02 21.66
N VAL A 60 6.15 12.08 22.32
CA VAL A 60 4.81 12.62 22.10
C VAL A 60 4.94 14.02 21.54
N LEU A 61 4.14 14.32 20.51
CA LEU A 61 4.20 15.59 19.81
C LEU A 61 3.38 16.61 20.58
N GLN A 62 4.05 17.61 21.15
CA GLN A 62 3.42 18.60 22.02
C GLN A 62 3.39 19.94 21.27
N LEU A 63 2.19 20.36 20.87
CA LEU A 63 2.02 21.65 20.22
C LEU A 63 2.14 22.81 21.18
N THR A 64 1.81 22.61 22.46
CA THR A 64 1.88 23.64 23.48
C THR A 64 3.00 23.29 24.45
N ARG A 65 3.82 24.27 24.79
CA ARG A 65 4.94 24.00 25.68
C ARG A 65 4.43 23.63 27.06
N VAL A 66 5.07 22.66 27.69
CA VAL A 66 4.69 22.17 29.01
C VAL A 66 5.90 22.28 29.93
N GLU A 67 5.73 22.93 31.08
CA GLU A 67 6.73 23.00 32.11
C GLU A 67 6.34 22.03 33.22
N ASN A 68 7.29 21.18 33.61
CA ASN A 68 7.18 20.20 34.70
C ASN A 68 5.78 19.59 34.81
N GLY A 69 5.22 19.17 33.68
CA GLY A 69 3.93 18.52 33.67
C GLY A 69 2.74 19.44 33.73
N GLN A 70 2.92 20.74 33.49
CA GLN A 70 1.83 21.71 33.55
C GLN A 70 1.81 22.51 32.25
N PRO A 71 0.65 22.66 31.61
CA PRO A 71 0.59 23.51 30.42
C PRO A 71 0.76 24.98 30.76
N GLN A 72 1.17 25.75 29.76
CA GLN A 72 1.39 27.18 29.88
C GLN A 72 0.25 27.95 29.22
N GLN A 73 0.32 29.27 29.30
CA GLN A 73 -0.73 30.16 28.82
C GLN A 73 -0.24 30.96 27.62
N TYR A 74 -1.18 31.29 26.74
CA TYR A 74 -0.90 32.02 25.50
C TYR A 74 0.20 31.33 24.70
N SER A 75 0.02 30.02 24.49
CA SER A 75 0.93 29.20 23.71
C SER A 75 0.23 28.76 22.43
N VAL A 76 0.87 29.01 21.30
CA VAL A 76 0.34 28.65 19.98
C VAL A 76 1.40 27.82 19.26
N GLY A 77 0.98 26.70 18.69
CA GLY A 77 1.89 25.81 18.01
C GLY A 77 1.30 25.29 16.72
N ARG A 78 2.17 25.02 15.75
CA ARG A 78 1.78 24.45 14.47
C ARG A 78 2.86 23.50 13.99
N ALA A 79 2.44 22.36 13.45
CA ALA A 79 3.34 21.40 12.84
C ALA A 79 2.82 21.06 11.46
N LEU A 80 3.73 20.88 10.52
CA LEU A 80 3.38 20.52 9.15
C LEU A 80 4.30 19.43 8.64
N TYR A 81 3.80 18.65 7.68
CA TYR A 81 4.66 17.71 6.99
C TYR A 81 5.56 18.44 6.01
N ALA A 82 6.82 17.97 5.92
CA ALA A 82 7.81 18.68 5.12
C ALA A 82 7.43 18.69 3.64
N ALA A 83 6.98 17.55 3.12
CA ALA A 83 6.68 17.46 1.70
C ALA A 83 5.31 18.07 1.41
N PRO A 84 5.22 19.04 0.51
CA PRO A 84 3.90 19.52 0.09
C PRO A 84 3.12 18.44 -0.63
N VAL A 85 1.80 18.51 -0.51
CA VAL A 85 0.88 17.52 -1.06
C VAL A 85 0.20 18.13 -2.28
N ARG A 86 0.16 17.37 -3.37
CA ARG A 86 -0.48 17.82 -4.60
C ARG A 86 -1.96 17.42 -4.57
N ILE A 87 -2.83 18.40 -4.80
CA ILE A 87 -4.27 18.19 -4.71
C ILE A 87 -4.90 18.04 -6.08
N TRP A 88 -4.61 18.97 -6.99
CA TRP A 88 -5.25 18.99 -8.30
C TRP A 88 -4.29 19.55 -9.35
N ASP A 89 -4.64 19.32 -10.61
CA ASP A 89 -3.89 19.82 -11.75
C ASP A 89 -4.80 20.74 -12.56
N ASN A 90 -4.26 21.90 -12.96
CA ASN A 90 -5.04 22.84 -13.76
C ASN A 90 -5.21 22.36 -15.20
N THR A 91 -4.22 21.63 -15.72
CA THR A 91 -4.27 21.22 -17.12
C THR A 91 -5.22 20.05 -17.32
N THR A 92 -4.92 18.91 -16.70
CA THR A 92 -5.75 17.73 -16.87
C THR A 92 -7.11 17.92 -16.21
N GLY A 93 -7.15 18.56 -15.05
CA GLY A 93 -8.35 18.68 -14.26
C GLY A 93 -8.50 17.64 -13.18
N SER A 94 -7.51 16.76 -13.02
CA SER A 94 -7.58 15.72 -12.00
C SER A 94 -7.60 16.34 -10.61
N VAL A 95 -8.31 15.70 -9.69
CA VAL A 95 -8.42 16.15 -8.31
C VAL A 95 -8.17 14.94 -7.41
N ALA A 96 -7.46 15.15 -6.31
CA ALA A 96 -7.04 14.06 -5.44
C ALA A 96 -8.04 13.83 -4.32
N SER A 97 -8.26 12.57 -4.00
CA SER A 97 -9.00 12.14 -2.83
C SER A 97 -8.04 11.48 -1.86
N PHE A 98 -8.27 11.69 -0.56
CA PHE A 98 -7.30 11.26 0.43
C PHE A 98 -7.99 10.83 1.72
N SER A 99 -7.20 10.26 2.61
CA SER A 99 -7.67 9.82 3.91
C SER A 99 -6.49 9.85 4.88
N THR A 100 -6.78 10.18 6.14
CA THR A 100 -5.76 10.22 7.17
C THR A 100 -6.39 9.86 8.51
N SER A 101 -5.54 9.37 9.42
CA SER A 101 -5.98 8.98 10.74
C SER A 101 -4.87 9.30 11.74
N PHE A 102 -5.28 9.68 12.95
CA PHE A 102 -4.33 10.00 14.00
C PHE A 102 -4.96 9.78 15.36
N THR A 103 -4.13 9.84 16.39
CA THR A 103 -4.56 9.70 17.77
C THR A 103 -4.07 10.91 18.55
N PHE A 104 -4.96 11.54 19.31
CA PHE A 104 -4.63 12.74 20.06
C PHE A 104 -5.27 12.68 21.43
N VAL A 105 -4.68 13.44 22.36
CA VAL A 105 -5.10 13.51 23.74
C VAL A 105 -5.21 14.97 24.15
N VAL A 106 -6.30 15.33 24.80
CA VAL A 106 -6.50 16.65 25.37
C VAL A 106 -6.72 16.48 26.86
N LYS A 107 -5.81 17.03 27.67
CA LYS A 107 -5.84 16.84 29.11
C LYS A 107 -5.67 18.19 29.80
N ALA A 108 -6.68 18.62 30.55
CA ALA A 108 -6.68 19.90 31.24
C ALA A 108 -6.73 19.69 32.74
N PRO A 109 -5.96 20.45 33.53
CA PRO A 109 -6.09 20.34 34.99
C PRO A 109 -7.48 20.66 35.50
N ASN A 110 -8.18 21.58 34.85
CA ASN A 110 -9.53 21.99 35.26
C ASN A 110 -10.53 21.49 34.25
N PRO A 111 -11.27 20.40 34.53
CA PRO A 111 -12.26 19.91 33.54
C PRO A 111 -13.39 20.88 33.25
N ASP A 112 -13.64 21.85 34.13
CA ASP A 112 -14.81 22.71 33.97
C ASP A 112 -14.70 23.54 32.70
N ILE A 113 -13.57 24.22 32.51
CA ILE A 113 -13.37 25.14 31.40
C ILE A 113 -12.05 24.81 30.73
N THR A 114 -12.02 24.87 29.40
CA THR A 114 -10.83 24.62 28.60
C THR A 114 -10.60 25.77 27.64
N SER A 115 -9.38 25.82 27.08
CA SER A 115 -8.93 26.94 26.26
C SER A 115 -8.80 26.49 24.81
N ASP A 116 -9.53 27.17 23.92
CA ASP A 116 -9.31 27.06 22.48
C ASP A 116 -9.39 25.60 22.01
N GLY A 117 -8.27 25.04 21.58
CA GLY A 117 -8.25 23.68 21.09
C GLY A 117 -7.23 23.54 19.98
N LEU A 118 -7.43 22.49 19.18
CA LEU A 118 -6.54 22.15 18.08
C LEU A 118 -7.35 21.85 16.83
N ALA A 119 -6.63 21.60 15.74
CA ALA A 119 -7.24 21.34 14.44
C ALA A 119 -6.23 20.68 13.53
N PHE A 120 -6.74 19.95 12.54
CA PHE A 120 -5.95 19.40 11.46
C PHE A 120 -6.28 20.19 10.20
N TYR A 121 -5.27 20.79 9.59
CA TYR A 121 -5.49 21.80 8.56
C TYR A 121 -4.56 21.60 7.38
N LEU A 122 -5.08 21.97 6.20
CA LEU A 122 -4.35 22.06 4.96
C LEU A 122 -4.24 23.52 4.57
N ALA A 123 -3.02 23.96 4.27
CA ALA A 123 -2.75 25.37 4.01
C ALA A 123 -1.75 25.52 2.87
N PRO A 124 -1.45 26.73 2.42
CA PRO A 124 -0.39 26.88 1.42
C PRO A 124 0.95 26.50 2.01
N PRO A 125 1.90 26.07 1.18
CA PRO A 125 3.21 25.66 1.73
C PRO A 125 3.91 26.76 2.51
N ASP A 126 3.74 28.02 2.12
CA ASP A 126 4.42 29.13 2.76
C ASP A 126 3.59 29.77 3.87
N SER A 127 2.62 29.05 4.42
CA SER A 127 1.78 29.60 5.47
C SER A 127 2.57 29.77 6.75
N GLN A 128 2.36 30.89 7.43
CA GLN A 128 2.99 31.20 8.71
C GLN A 128 1.92 31.67 9.69
N ILE A 129 2.33 31.82 10.95
CA ILE A 129 1.42 32.23 12.02
C ILE A 129 1.04 33.69 11.80
N PRO A 130 -0.25 34.03 11.67
CA PRO A 130 -0.61 35.45 11.56
C PRO A 130 -0.25 36.22 12.82
N SER A 131 0.08 37.49 12.60
CA SER A 131 0.43 38.36 13.72
C SER A 131 -0.82 38.74 14.51
N GLY A 132 -0.62 39.08 15.77
CA GLY A 132 -1.70 39.48 16.65
C GLY A 132 -2.28 38.31 17.42
N SER A 133 -3.35 38.62 18.15
CA SER A 133 -4.03 37.62 18.97
C SER A 133 -4.62 36.55 18.07
N VAL A 134 -4.09 35.33 18.17
CA VAL A 134 -4.53 34.20 17.35
C VAL A 134 -4.98 33.03 18.23
N SER A 135 -5.24 33.27 19.50
CA SER A 135 -5.60 32.20 20.42
C SER A 135 -7.00 31.66 20.09
N LYS A 136 -7.99 32.53 20.06
CA LYS A 136 -9.36 32.11 19.81
C LYS A 136 -9.57 31.58 18.40
N TYR A 137 -8.64 31.82 17.49
CA TYR A 137 -8.73 31.34 16.12
C TYR A 137 -7.89 30.08 15.89
N LEU A 138 -7.43 29.44 16.96
CA LEU A 138 -6.65 28.20 16.87
C LEU A 138 -5.37 28.38 16.07
N GLY A 139 -4.78 29.57 16.14
CA GLY A 139 -3.51 29.81 15.48
C GLY A 139 -3.57 29.75 13.96
N LEU A 140 -4.75 29.87 13.37
CA LEU A 140 -4.91 29.81 11.92
C LEU A 140 -5.23 31.16 11.32
N PHE A 141 -6.04 31.97 12.00
CA PHE A 141 -6.44 33.29 11.52
C PHE A 141 -6.22 34.31 12.64
N ASN A 142 -6.38 35.59 12.28
CA ASN A 142 -6.42 36.65 13.28
C ASN A 142 -7.61 37.58 13.08
N ASN A 143 -8.52 37.28 12.15
CA ASN A 143 -9.74 38.04 11.95
C ASN A 143 -10.91 37.08 11.87
N SER A 144 -12.06 37.50 12.40
CA SER A 144 -13.25 36.66 12.44
C SER A 144 -13.93 36.53 11.08
N ASN A 145 -13.72 37.48 10.18
CA ASN A 145 -14.37 37.43 8.88
C ASN A 145 -13.71 36.37 7.99
N SER A 146 -14.46 35.90 7.00
CA SER A 146 -14.01 34.88 6.08
C SER A 146 -13.57 35.53 4.77
N ASP A 147 -12.36 35.21 4.33
CA ASP A 147 -11.80 35.72 3.09
C ASP A 147 -11.29 34.56 2.26
N SER A 148 -11.59 34.60 0.96
CA SER A 148 -11.20 33.50 0.07
C SER A 148 -9.70 33.42 -0.14
N SER A 149 -8.96 34.49 0.17
CA SER A 149 -7.52 34.49 -0.02
C SER A 149 -6.77 33.65 1.02
N ASN A 150 -7.43 33.26 2.11
CA ASN A 150 -6.74 32.47 3.13
C ASN A 150 -6.31 31.12 2.59
N GLN A 151 -7.18 30.45 1.83
CA GLN A 151 -6.87 29.16 1.23
C GLN A 151 -6.49 28.13 2.28
N ILE A 152 -7.23 28.12 3.39
CA ILE A 152 -7.00 27.21 4.51
C ILE A 152 -8.26 26.39 4.71
N VAL A 153 -8.10 25.06 4.77
CA VAL A 153 -9.22 24.14 5.01
C VAL A 153 -8.87 23.31 6.23
N ALA A 154 -9.70 23.40 7.27
CA ALA A 154 -9.36 22.82 8.56
C ALA A 154 -10.53 22.02 9.13
N VAL A 155 -10.19 21.06 9.97
CA VAL A 155 -11.14 20.34 10.82
C VAL A 155 -10.71 20.62 12.24
N GLU A 156 -11.54 21.36 12.98
CA GLU A 156 -11.22 21.83 14.31
C GLU A 156 -11.96 21.02 15.36
N PHE A 157 -11.29 20.77 16.48
CA PHE A 157 -11.89 20.17 17.67
C PHE A 157 -11.94 21.27 18.73
N ASP A 158 -13.00 22.08 18.67
CA ASP A 158 -13.10 23.26 19.51
C ASP A 158 -13.70 22.87 20.86
N THR A 159 -12.93 23.11 21.92
CA THR A 159 -13.34 22.78 23.29
C THR A 159 -13.80 24.00 24.07
N TYR A 160 -13.72 25.20 23.49
CA TYR A 160 -14.11 26.44 24.15
C TYR A 160 -15.41 26.92 23.52
N PHE A 161 -16.49 26.96 24.31
CA PHE A 161 -17.81 27.33 23.84
C PHE A 161 -18.21 28.73 24.28
N GLY A 162 -17.25 29.59 24.61
CA GLY A 162 -17.57 30.91 25.08
C GLY A 162 -18.35 31.71 24.06
N HIS A 163 -19.24 32.57 24.57
CA HIS A 163 -20.10 33.38 23.70
C HIS A 163 -19.55 34.77 23.46
N SER A 164 -18.96 35.40 24.48
CA SER A 164 -18.42 36.75 24.31
C SER A 164 -17.18 36.73 23.42
N TYR A 165 -16.25 35.81 23.68
CA TYR A 165 -15.03 35.74 22.89
C TYR A 165 -15.22 34.97 21.59
N ASP A 166 -16.10 33.97 21.57
CA ASP A 166 -16.37 33.15 20.40
C ASP A 166 -17.87 33.15 20.13
N PRO A 167 -18.44 34.29 19.73
CA PRO A 167 -19.87 34.32 19.42
C PRO A 167 -20.25 33.39 18.28
N TRP A 168 -19.35 33.16 17.33
CA TRP A 168 -19.67 32.29 16.20
C TRP A 168 -19.83 30.84 16.62
N ASP A 169 -19.04 30.37 17.58
CA ASP A 169 -19.09 28.98 17.98
C ASP A 169 -20.41 28.67 18.68
N PRO A 170 -20.90 27.42 18.60
CA PRO A 170 -22.13 27.07 19.33
C PRO A 170 -21.92 27.02 20.85
N ASN A 171 -22.98 26.66 21.56
CA ASN A 171 -22.96 26.69 23.02
C ASN A 171 -22.19 25.51 23.62
N TYR A 172 -21.93 24.46 22.84
CA TYR A 172 -21.33 23.23 23.34
C TYR A 172 -20.00 22.97 22.67
N ARG A 173 -19.18 22.14 23.31
CA ARG A 173 -17.95 21.68 22.70
C ARG A 173 -18.27 20.96 21.41
N HIS A 174 -17.50 21.22 20.36
CA HIS A 174 -17.90 20.78 19.04
C HIS A 174 -16.70 20.39 18.19
N ILE A 175 -17.00 19.64 17.13
CA ILE A 175 -16.06 19.34 16.06
C ILE A 175 -16.62 19.98 14.80
N GLY A 176 -15.83 20.88 14.19
CA GLY A 176 -16.33 21.68 13.10
C GLY A 176 -15.42 21.61 11.89
N ILE A 177 -15.96 22.03 10.76
CA ILE A 177 -15.23 22.11 9.49
C ILE A 177 -15.14 23.58 9.10
N ASP A 178 -13.92 24.07 8.91
CA ASP A 178 -13.65 25.47 8.62
C ASP A 178 -13.12 25.60 7.20
N VAL A 179 -13.71 26.49 6.43
CA VAL A 179 -13.32 26.75 5.04
C VAL A 179 -13.11 28.25 4.91
N ASN A 180 -11.84 28.67 4.87
CA ASN A 180 -11.49 30.08 4.69
C ASN A 180 -12.12 30.97 5.75
N GLY A 181 -12.25 30.47 6.97
CA GLY A 181 -12.81 31.25 8.06
C GLY A 181 -13.01 30.46 9.32
N ILE A 182 -12.97 31.14 10.48
CA ILE A 182 -13.17 30.46 11.75
C ILE A 182 -14.60 29.94 11.89
N GLU A 183 -15.58 30.66 11.33
CA GLU A 183 -16.96 30.21 11.43
C GLU A 183 -17.14 28.93 10.63
N SER A 184 -17.31 27.82 11.34
CA SER A 184 -17.40 26.52 10.69
C SER A 184 -18.70 26.37 9.93
N ILE A 185 -18.61 25.85 8.70
CA ILE A 185 -19.80 25.64 7.90
C ILE A 185 -20.70 24.59 8.53
N LYS A 186 -20.09 23.56 9.14
CA LYS A 186 -20.85 22.50 9.79
C LYS A 186 -20.11 22.04 11.03
N THR A 187 -20.87 21.83 12.10
CA THR A 187 -20.35 21.42 13.39
C THR A 187 -21.22 20.30 13.96
N VAL A 188 -20.60 19.49 14.80
CA VAL A 188 -21.28 18.39 15.49
C VAL A 188 -20.90 18.44 16.96
N GLN A 189 -21.89 18.25 17.83
CA GLN A 189 -21.65 18.23 19.27
C GLN A 189 -20.70 17.10 19.62
N TRP A 190 -19.71 17.39 20.47
CA TRP A 190 -18.67 16.44 20.85
C TRP A 190 -18.49 16.48 22.35
N ASP A 191 -18.54 15.31 22.99
CA ASP A 191 -18.34 15.19 24.42
C ASP A 191 -16.86 14.95 24.69
N TRP A 192 -16.17 15.95 25.23
CA TRP A 192 -14.75 15.85 25.50
C TRP A 192 -14.52 15.09 26.80
N ILE A 193 -13.49 14.24 26.80
CA ILE A 193 -13.12 13.44 27.95
C ILE A 193 -11.70 13.84 28.37
N ASN A 194 -11.55 14.24 29.62
CA ASN A 194 -10.24 14.65 30.12
C ASN A 194 -9.34 13.44 30.26
N GLY A 195 -8.12 13.56 29.73
CA GLY A 195 -7.18 12.46 29.78
C GLY A 195 -7.66 11.23 29.03
N GLY A 196 -8.38 11.44 27.92
CA GLY A 196 -8.90 10.35 27.12
C GLY A 196 -8.32 10.33 25.72
N VAL A 197 -7.87 9.15 25.28
CA VAL A 197 -7.28 9.02 23.96
C VAL A 197 -8.39 9.03 22.92
N ALA A 198 -8.25 9.88 21.91
CA ALA A 198 -9.23 10.03 20.84
C ALA A 198 -8.59 9.63 19.52
N PHE A 199 -9.27 8.75 18.79
CA PHE A 199 -8.84 8.31 17.48
C PHE A 199 -9.67 9.02 16.42
N ALA A 200 -9.03 9.85 15.62
CA ALA A 200 -9.70 10.68 14.63
C ALA A 200 -9.32 10.26 13.23
N THR A 201 -10.27 10.36 12.31
CA THR A 201 -10.08 10.01 10.91
C THR A 201 -10.76 11.04 10.04
N ILE A 202 -10.03 11.56 9.06
CA ILE A 202 -10.53 12.56 8.13
C ILE A 202 -10.34 12.04 6.71
N THR A 203 -11.43 12.00 5.95
CA THR A 203 -11.41 11.46 4.59
C THR A 203 -12.09 12.44 3.64
N TYR A 204 -11.40 12.75 2.54
CA TYR A 204 -11.93 13.59 1.49
C TYR A 204 -12.13 12.76 0.23
N LEU A 205 -13.37 12.74 -0.27
CA LEU A 205 -13.72 12.12 -1.53
C LEU A 205 -13.90 13.24 -2.56
N ALA A 206 -13.01 13.28 -3.56
CA ALA A 206 -13.04 14.38 -4.52
C ALA A 206 -14.17 14.23 -5.54
N PRO A 207 -14.43 13.07 -6.13
CA PRO A 207 -15.54 12.98 -7.09
C PRO A 207 -16.88 13.38 -6.50
N ASN A 208 -17.11 13.08 -5.24
CA ASN A 208 -18.33 13.48 -4.54
C ASN A 208 -18.17 14.80 -3.79
N LYS A 209 -16.95 15.37 -3.76
CA LYS A 209 -16.72 16.67 -3.14
C LYS A 209 -17.15 16.68 -1.69
N THR A 210 -16.78 15.62 -0.95
CA THR A 210 -17.26 15.41 0.41
C THR A 210 -16.08 15.30 1.37
N LEU A 211 -16.17 16.01 2.49
CA LEU A 211 -15.20 15.91 3.58
C LEU A 211 -15.89 15.30 4.79
N ILE A 212 -15.30 14.24 5.33
CA ILE A 212 -15.87 13.49 6.44
C ILE A 212 -14.86 13.47 7.58
N ALA A 213 -15.32 13.82 8.78
CA ALA A 213 -14.49 13.79 9.98
C ALA A 213 -15.17 12.93 11.03
N SER A 214 -14.43 11.99 11.61
CA SER A 214 -14.94 11.09 12.62
C SER A 214 -13.97 11.03 13.79
N LEU A 215 -14.53 10.90 15.00
CA LEU A 215 -13.75 10.79 16.22
C LEU A 215 -14.32 9.67 17.06
N VAL A 216 -13.45 8.89 17.68
CA VAL A 216 -13.84 7.70 18.44
C VAL A 216 -13.11 7.70 19.78
N TYR A 217 -13.86 7.42 20.84
CA TYR A 217 -13.30 7.14 22.17
C TYR A 217 -13.51 5.66 22.46
N PRO A 218 -12.49 4.81 22.31
CA PRO A 218 -12.65 3.39 22.67
C PRO A 218 -12.74 3.13 24.16
N SER A 219 -12.32 4.06 25.01
CA SER A 219 -12.44 3.86 26.45
C SER A 219 -13.88 3.81 26.90
N ASN A 220 -14.74 4.64 26.32
CA ASN A 220 -16.18 4.59 26.54
C ASN A 220 -16.94 4.11 25.31
N GLN A 221 -16.24 3.86 24.20
CA GLN A 221 -16.87 3.36 22.98
C GLN A 221 -17.94 4.33 22.47
N THR A 222 -17.52 5.55 22.19
CA THR A 222 -18.41 6.59 21.67
C THR A 222 -17.85 7.13 20.36
N THR A 223 -18.75 7.54 19.46
CA THR A 223 -18.38 8.02 18.14
C THR A 223 -19.10 9.32 17.83
N PHE A 224 -18.38 10.21 17.14
CA PHE A 224 -18.95 11.47 16.67
C PHE A 224 -18.47 11.71 15.25
N SER A 225 -19.41 11.86 14.32
CA SER A 225 -19.10 11.98 12.90
C SER A 225 -19.80 13.19 12.30
N VAL A 226 -19.20 13.74 11.24
CA VAL A 226 -19.75 14.89 10.55
C VAL A 226 -19.26 14.85 9.11
N ALA A 227 -20.07 15.40 8.21
CA ALA A 227 -19.73 15.49 6.79
C ALA A 227 -20.13 16.85 6.25
N ALA A 228 -19.41 17.29 5.22
CA ALA A 228 -19.65 18.59 4.62
C ALA A 228 -19.29 18.52 3.14
N SER A 229 -19.81 19.50 2.39
CA SER A 229 -19.59 19.59 0.95
C SER A 229 -18.59 20.71 0.68
N VAL A 230 -17.40 20.34 0.23
CA VAL A 230 -16.35 21.30 -0.10
C VAL A 230 -15.70 20.87 -1.41
N ASP A 231 -15.21 21.87 -2.16
CA ASP A 231 -14.51 21.64 -3.42
C ASP A 231 -13.14 22.29 -3.31
N LEU A 232 -12.08 21.47 -3.26
CA LEU A 232 -10.73 21.96 -3.09
C LEU A 232 -10.19 22.67 -4.33
N LYS A 233 -10.88 22.57 -5.47
CA LYS A 233 -10.42 23.23 -6.68
C LYS A 233 -10.38 24.75 -6.49
N GLU A 234 -11.47 25.33 -6.01
CA GLU A 234 -11.56 26.78 -5.89
C GLU A 234 -10.90 27.30 -4.61
N ILE A 235 -10.83 26.48 -3.57
CA ILE A 235 -10.35 26.93 -2.27
C ILE A 235 -8.83 26.84 -2.22
N LEU A 236 -8.29 25.63 -2.35
CA LEU A 236 -6.87 25.44 -2.14
C LEU A 236 -6.11 25.51 -3.47
N PRO A 237 -4.81 25.86 -3.43
CA PRO A 237 -4.01 25.84 -4.65
C PRO A 237 -3.63 24.43 -5.07
N GLU A 238 -2.83 24.31 -6.13
CA GLU A 238 -2.42 22.99 -6.61
C GLU A 238 -1.60 22.24 -5.56
N TRP A 239 -0.68 22.94 -4.90
CA TRP A 239 0.22 22.35 -3.92
C TRP A 239 -0.08 22.93 -2.55
N VAL A 240 -0.26 22.05 -1.56
CA VAL A 240 -0.60 22.44 -0.20
C VAL A 240 0.28 21.66 0.77
N ARG A 241 0.18 22.03 2.05
CA ARG A 241 0.86 21.36 3.14
C ARG A 241 -0.17 20.99 4.20
N VAL A 242 -0.03 19.77 4.73
CA VAL A 242 -0.94 19.23 5.74
C VAL A 242 -0.27 19.33 7.10
N GLY A 243 -1.07 19.45 8.14
CA GLY A 243 -0.50 19.44 9.47
C GLY A 243 -1.55 19.70 10.53
N PHE A 244 -1.05 20.05 11.72
CA PHE A 244 -1.87 20.30 12.90
C PHE A 244 -1.55 21.67 13.47
N SER A 245 -2.54 22.25 14.17
CA SER A 245 -2.38 23.52 14.87
C SER A 245 -3.07 23.41 16.21
N ALA A 246 -2.61 24.22 17.17
CA ALA A 246 -3.23 24.24 18.49
C ALA A 246 -2.93 25.56 19.18
N ALA A 247 -3.82 25.96 20.09
CA ALA A 247 -3.69 27.23 20.79
C ALA A 247 -4.20 27.08 22.22
N THR A 248 -3.75 28.01 23.07
CA THR A 248 -4.15 28.07 24.47
C THR A 248 -4.46 29.51 24.85
N GLY A 249 -5.23 29.67 25.94
CA GLY A 249 -5.68 30.98 26.37
C GLY A 249 -5.19 31.40 27.75
N TYR A 250 -6.13 31.72 28.64
CA TYR A 250 -5.77 32.24 29.95
C TYR A 250 -5.15 31.15 30.82
N PRO A 251 -4.31 31.52 31.78
CA PRO A 251 -3.64 30.50 32.61
C PRO A 251 -4.60 29.63 33.40
N THR A 252 -5.74 30.16 33.83
CA THR A 252 -6.65 29.37 34.66
C THR A 252 -7.29 28.24 33.87
N GLU A 253 -7.55 28.46 32.58
CA GLU A 253 -8.27 27.51 31.73
C GLU A 253 -7.36 26.84 30.70
N VAL A 254 -6.10 26.59 31.07
CA VAL A 254 -5.16 25.99 30.12
C VAL A 254 -5.47 24.51 29.94
N GLU A 255 -4.84 23.91 28.92
CA GLU A 255 -4.93 22.49 28.67
C GLU A 255 -3.71 22.04 27.89
N THR A 256 -3.51 20.72 27.84
CA THR A 256 -2.41 20.10 27.10
C THR A 256 -2.97 19.37 25.90
N HIS A 257 -2.43 19.69 24.73
CA HIS A 257 -2.76 19.01 23.48
C HIS A 257 -1.57 18.14 23.07
N ASP A 258 -1.83 16.87 22.78
CA ASP A 258 -0.79 15.92 22.43
C ASP A 258 -1.26 15.07 21.26
N VAL A 259 -0.31 14.67 20.41
CA VAL A 259 -0.55 13.76 19.31
C VAL A 259 0.42 12.59 19.43
N LEU A 260 -0.11 11.37 19.37
CA LEU A 260 0.69 10.17 19.56
C LEU A 260 1.05 9.49 18.25
N SER A 261 0.15 9.47 17.27
CA SER A 261 0.40 8.82 15.99
C SER A 261 -0.34 9.59 14.92
N TRP A 262 0.11 9.41 13.67
CA TRP A 262 -0.49 10.13 12.55
C TRP A 262 -0.15 9.43 11.25
N SER A 263 -1.18 9.03 10.50
CA SER A 263 -1.03 8.36 9.22
C SER A 263 -1.80 9.13 8.16
N PHE A 264 -1.20 9.27 6.98
CA PHE A 264 -1.79 10.02 5.88
C PHE A 264 -1.57 9.24 4.59
N THR A 265 -2.54 9.32 3.69
CA THR A 265 -2.43 8.71 2.37
C THR A 265 -3.32 9.46 1.40
N SER A 266 -2.78 9.76 0.23
CA SER A 266 -3.49 10.51 -0.79
C SER A 266 -3.07 10.00 -2.16
N THR A 267 -4.03 9.96 -3.09
CA THR A 267 -3.78 9.55 -4.47
C THR A 267 -4.46 10.54 -5.40
N LEU A 268 -3.85 10.75 -6.56
CA LEU A 268 -4.36 11.66 -7.58
C LEU A 268 -4.87 10.82 -8.75
N GLU A 269 -6.15 10.48 -8.71
CA GLU A 269 -6.76 9.68 -9.77
C GLU A 269 -7.04 10.55 -10.99
N ALA A 270 -6.77 9.99 -12.16
CA ALA A 270 -6.93 10.71 -13.42
C ALA A 270 -8.34 10.53 -13.97
N ASN A 271 -8.91 11.62 -14.46
CA ASN A 271 -10.23 11.63 -15.08
C ASN A 271 -10.07 11.83 -16.58
N CYS A 272 -10.56 10.87 -17.36
CA CYS A 272 -10.51 10.95 -18.81
C CYS A 272 -11.73 11.63 -19.42
N ASP A 273 -12.71 12.01 -18.62
CA ASP A 273 -13.88 12.70 -19.14
C ASP A 273 -13.53 14.10 -19.62
N SER B 30 -2.01 -13.62 4.07
CA SER B 30 -2.03 -14.11 5.48
C SER B 30 -1.69 -12.97 6.44
N ASP B 31 -0.39 -12.62 6.50
CA ASP B 31 0.03 -11.52 7.37
C ASP B 31 -0.58 -10.21 6.93
N GLU B 32 -0.61 -9.96 5.62
CA GLU B 32 -1.22 -8.76 5.06
C GLU B 32 -2.02 -9.16 3.83
N LEU B 33 -3.21 -8.58 3.68
CA LEU B 33 -4.07 -8.84 2.54
C LEU B 33 -4.88 -7.60 2.25
N SER B 34 -4.78 -7.09 1.02
CA SER B 34 -5.51 -5.90 0.60
C SER B 34 -6.00 -6.10 -0.82
N PHE B 35 -7.27 -5.78 -1.07
CA PHE B 35 -7.83 -5.82 -2.41
C PHE B 35 -8.88 -4.74 -2.55
N THR B 36 -9.18 -4.40 -3.80
CA THR B 36 -10.16 -3.37 -4.12
C THR B 36 -10.88 -3.76 -5.40
N ILE B 37 -12.21 -3.71 -5.37
CA ILE B 37 -13.06 -4.01 -6.51
C ILE B 37 -13.93 -2.79 -6.73
N ASN B 38 -13.55 -1.96 -7.71
CA ASN B 38 -14.36 -0.80 -8.05
C ASN B 38 -15.59 -1.19 -8.87
N ASN B 39 -15.46 -2.19 -9.74
CA ASN B 39 -16.55 -2.67 -10.55
C ASN B 39 -16.56 -4.19 -10.55
N PHE B 40 -17.74 -4.76 -10.73
CA PHE B 40 -17.95 -6.20 -10.73
C PHE B 40 -18.25 -6.68 -12.14
N VAL B 41 -18.06 -7.98 -12.36
CA VAL B 41 -18.29 -8.60 -13.66
C VAL B 41 -19.16 -9.85 -13.46
N PRO B 42 -19.93 -10.28 -14.47
CA PRO B 42 -20.72 -11.51 -14.31
C PRO B 42 -19.83 -12.71 -14.05
N ASN B 43 -20.31 -13.61 -13.19
CA ASN B 43 -19.62 -14.85 -12.87
C ASN B 43 -18.19 -14.56 -12.41
N GLU B 44 -18.06 -13.60 -11.51
CA GLU B 44 -16.74 -13.21 -11.01
C GLU B 44 -16.09 -14.39 -10.30
N ALA B 45 -14.81 -14.62 -10.60
CA ALA B 45 -14.14 -15.82 -10.12
C ALA B 45 -13.76 -15.72 -8.64
N ASP B 46 -13.33 -14.54 -8.20
CA ASP B 46 -12.82 -14.37 -6.84
C ASP B 46 -13.94 -14.17 -5.81
N LEU B 47 -15.20 -14.29 -6.23
CA LEU B 47 -16.33 -14.17 -5.32
C LEU B 47 -17.09 -15.49 -5.31
N LEU B 48 -17.37 -16.01 -4.11
CA LEU B 48 -18.16 -17.21 -3.93
C LEU B 48 -19.58 -16.80 -3.58
N PHE B 49 -20.54 -17.29 -4.36
CA PHE B 49 -21.94 -16.93 -4.22
C PHE B 49 -22.71 -18.11 -3.63
N GLN B 50 -23.52 -17.83 -2.61
CA GLN B 50 -24.42 -18.80 -2.01
C GLN B 50 -25.83 -18.24 -2.06
N GLY B 51 -26.78 -19.10 -2.38
CA GLY B 51 -28.16 -18.67 -2.55
C GLY B 51 -28.42 -18.23 -3.97
N GLU B 52 -29.06 -17.07 -4.13
CA GLU B 52 -29.46 -16.55 -5.42
C GLU B 52 -28.74 -15.25 -5.78
N ALA B 53 -27.62 -14.96 -5.13
CA ALA B 53 -26.86 -13.75 -5.44
C ALA B 53 -26.23 -13.88 -6.82
N SER B 54 -26.12 -12.76 -7.52
CA SER B 54 -25.53 -12.74 -8.86
C SER B 54 -25.04 -11.34 -9.16
N VAL B 55 -24.30 -11.23 -10.27
CA VAL B 55 -23.76 -9.96 -10.75
C VAL B 55 -24.42 -9.64 -12.08
N SER B 56 -24.94 -8.43 -12.21
CA SER B 56 -25.64 -8.03 -13.42
C SER B 56 -24.66 -7.75 -14.55
N SER B 57 -25.22 -7.63 -15.76
CA SER B 57 -24.40 -7.28 -16.92
C SER B 57 -23.83 -5.87 -16.80
N THR B 58 -24.57 -4.97 -16.15
CA THR B 58 -24.10 -3.60 -15.98
C THR B 58 -22.94 -3.49 -15.01
N GLY B 59 -22.64 -4.52 -14.25
CA GLY B 59 -21.54 -4.53 -13.33
C GLY B 59 -21.88 -4.20 -11.90
N VAL B 60 -23.10 -4.50 -11.45
CA VAL B 60 -23.54 -4.25 -10.08
C VAL B 60 -23.81 -5.59 -9.41
N LEU B 61 -23.34 -5.74 -8.18
CA LEU B 61 -23.47 -6.99 -7.43
C LEU B 61 -24.84 -7.03 -6.79
N GLN B 62 -25.69 -7.96 -7.24
CA GLN B 62 -27.08 -8.07 -6.80
C GLN B 62 -27.22 -9.32 -5.94
N LEU B 63 -27.41 -9.12 -4.64
CA LEU B 63 -27.64 -10.23 -3.72
C LEU B 63 -29.02 -10.84 -3.88
N THR B 64 -30.01 -10.06 -4.29
CA THR B 64 -31.37 -10.52 -4.48
C THR B 64 -31.70 -10.51 -5.96
N ARG B 65 -32.31 -11.59 -6.44
CA ARG B 65 -32.61 -11.68 -7.87
C ARG B 65 -33.63 -10.63 -8.25
N VAL B 66 -33.45 -10.03 -9.42
CA VAL B 66 -34.34 -8.99 -9.91
C VAL B 66 -34.84 -9.41 -11.29
N GLU B 67 -36.16 -9.40 -11.47
CA GLU B 67 -36.79 -9.64 -12.75
C GLU B 67 -37.24 -8.29 -13.31
N ASN B 68 -36.86 -8.03 -14.57
CA ASN B 68 -37.22 -6.84 -15.35
C ASN B 68 -37.32 -5.59 -14.50
N GLY B 69 -36.31 -5.35 -13.66
CA GLY B 69 -36.26 -4.16 -12.85
C GLY B 69 -37.10 -4.18 -11.59
N GLN B 70 -37.57 -5.35 -11.17
CA GLN B 70 -38.41 -5.46 -9.98
C GLN B 70 -37.81 -6.51 -9.04
N PRO B 71 -37.66 -6.22 -7.75
CA PRO B 71 -37.18 -7.25 -6.83
C PRO B 71 -38.22 -8.34 -6.61
N GLN B 72 -37.74 -9.50 -6.18
CA GLN B 72 -38.57 -10.66 -5.91
C GLN B 72 -38.73 -10.85 -4.40
N GLN B 73 -39.49 -11.86 -4.03
CA GLN B 73 -39.86 -12.13 -2.64
C GLN B 73 -39.21 -13.43 -2.17
N TYR B 74 -38.91 -13.48 -0.87
CA TYR B 74 -38.25 -14.62 -0.25
C TYR B 74 -36.96 -14.98 -0.99
N SER B 75 -36.13 -13.97 -1.20
CA SER B 75 -34.83 -14.12 -1.85
C SER B 75 -33.73 -13.85 -0.83
N VAL B 76 -32.80 -14.79 -0.71
CA VAL B 76 -31.68 -14.70 0.22
C VAL B 76 -30.40 -14.91 -0.57
N GLY B 77 -29.43 -14.03 -0.36
CA GLY B 77 -28.17 -14.10 -1.07
C GLY B 77 -26.99 -13.83 -0.17
N ARG B 78 -25.86 -14.46 -0.50
CA ARG B 78 -24.62 -14.25 0.23
C ARG B 78 -23.45 -14.30 -0.75
N ALA B 79 -22.50 -13.40 -0.55
CA ALA B 79 -21.27 -13.37 -1.32
C ALA B 79 -20.10 -13.31 -0.36
N LEU B 80 -19.02 -14.02 -0.70
CA LEU B 80 -17.81 -14.03 0.11
C LEU B 80 -16.58 -13.89 -0.77
N TYR B 81 -15.52 -13.37 -0.18
CA TYR B 81 -14.24 -13.37 -0.86
C TYR B 81 -13.64 -14.77 -0.87
N ALA B 82 -13.01 -15.13 -1.99
CA ALA B 82 -12.51 -16.49 -2.16
C ALA B 82 -11.42 -16.82 -1.13
N ALA B 83 -10.49 -15.89 -0.93
CA ALA B 83 -9.38 -16.16 -0.03
C ALA B 83 -9.81 -15.98 1.42
N PRO B 84 -9.65 -16.99 2.28
CA PRO B 84 -9.89 -16.77 3.71
C PRO B 84 -8.90 -15.77 4.29
N VAL B 85 -9.35 -15.06 5.32
CA VAL B 85 -8.58 -14.00 5.96
C VAL B 85 -8.11 -14.51 7.32
N ARG B 86 -6.82 -14.31 7.60
CA ARG B 86 -6.23 -14.73 8.87
C ARG B 86 -6.39 -13.61 9.89
N ILE B 87 -6.95 -13.95 11.04
CA ILE B 87 -7.26 -12.97 12.09
C ILE B 87 -6.21 -13.00 13.20
N TRP B 88 -5.93 -14.19 13.74
CA TRP B 88 -5.04 -14.31 14.88
C TRP B 88 -4.29 -15.63 14.82
N ASP B 89 -3.23 -15.71 15.62
CA ASP B 89 -2.40 -16.91 15.76
C ASP B 89 -2.47 -17.39 17.20
N ASN B 90 -2.67 -18.70 17.37
CA ASN B 90 -2.72 -19.27 18.71
C ASN B 90 -1.34 -19.32 19.36
N THR B 91 -0.29 -19.50 18.57
CA THR B 91 1.05 -19.65 19.14
C THR B 91 1.62 -18.32 19.57
N THR B 92 1.82 -17.40 18.63
CA THR B 92 2.40 -16.10 18.97
C THR B 92 1.45 -15.27 19.81
N GLY B 93 0.14 -15.33 19.50
CA GLY B 93 -0.84 -14.48 20.13
C GLY B 93 -1.17 -13.23 19.35
N SER B 94 -0.57 -13.05 18.17
CA SER B 94 -0.85 -11.87 17.37
C SER B 94 -2.31 -11.84 16.93
N VAL B 95 -2.86 -10.63 16.83
CA VAL B 95 -4.23 -10.42 16.41
C VAL B 95 -4.25 -9.32 15.36
N ALA B 96 -5.06 -9.49 14.33
CA ALA B 96 -5.07 -8.58 13.19
C ALA B 96 -6.09 -7.46 13.37
N SER B 97 -5.69 -6.27 12.95
CA SER B 97 -6.58 -5.12 12.82
C SER B 97 -6.77 -4.81 11.35
N PHE B 98 -7.98 -4.39 10.98
CA PHE B 98 -8.31 -4.24 9.57
C PHE B 98 -9.27 -3.08 9.36
N SER B 99 -9.48 -2.77 8.08
CA SER B 99 -10.40 -1.72 7.67
C SER B 99 -10.91 -2.04 6.28
N THR B 100 -12.17 -1.70 6.02
CA THR B 100 -12.78 -1.92 4.72
C THR B 100 -13.81 -0.83 4.45
N SER B 101 -14.07 -0.60 3.17
CA SER B 101 -15.01 0.41 2.74
C SER B 101 -15.73 -0.10 1.49
N PHE B 102 -16.99 0.27 1.36
CA PHE B 102 -17.79 -0.12 0.21
C PHE B 102 -18.90 0.87 -0.01
N THR B 103 -19.57 0.73 -1.16
CA THR B 103 -20.71 1.56 -1.53
C THR B 103 -21.88 0.65 -1.87
N PHE B 104 -23.04 0.94 -1.29
CA PHE B 104 -24.22 0.11 -1.49
C PHE B 104 -25.45 0.99 -1.66
N VAL B 105 -26.46 0.42 -2.31
CA VAL B 105 -27.71 1.09 -2.62
C VAL B 105 -28.85 0.17 -2.20
N VAL B 106 -29.83 0.75 -1.51
CA VAL B 106 -31.07 0.04 -1.16
C VAL B 106 -32.23 0.83 -1.76
N LYS B 107 -32.96 0.20 -2.68
CA LYS B 107 -34.02 0.87 -3.42
C LYS B 107 -35.26 0.00 -3.42
N ALA B 108 -36.33 0.50 -2.81
CA ALA B 108 -37.59 -0.23 -2.68
C ALA B 108 -38.70 0.48 -3.45
N PRO B 109 -39.56 -0.24 -4.16
CA PRO B 109 -40.71 0.44 -4.81
C PRO B 109 -41.63 1.13 -3.82
N ASN B 110 -41.77 0.58 -2.61
CA ASN B 110 -42.65 1.16 -1.60
C ASN B 110 -41.80 1.75 -0.48
N PRO B 111 -41.61 3.06 -0.41
CA PRO B 111 -40.79 3.63 0.67
C PRO B 111 -41.36 3.41 2.07
N ASP B 112 -42.65 3.14 2.19
CA ASP B 112 -43.27 3.06 3.51
C ASP B 112 -42.69 1.92 4.33
N ILE B 113 -42.63 0.71 3.76
CA ILE B 113 -42.19 -0.48 4.46
C ILE B 113 -41.16 -1.19 3.60
N THR B 114 -40.12 -1.72 4.25
CA THR B 114 -39.06 -2.47 3.58
C THR B 114 -38.87 -3.81 4.27
N SER B 115 -38.15 -4.70 3.59
CA SER B 115 -38.00 -6.09 4.02
C SER B 115 -36.56 -6.35 4.45
N ASP B 116 -36.38 -6.77 5.70
CA ASP B 116 -35.12 -7.31 6.18
C ASP B 116 -33.97 -6.34 5.95
N GLY B 117 -33.05 -6.67 5.06
CA GLY B 117 -31.90 -5.83 4.80
C GLY B 117 -30.69 -6.68 4.46
N LEU B 118 -29.53 -6.06 4.64
CA LEU B 118 -28.24 -6.67 4.34
C LEU B 118 -27.27 -6.44 5.48
N ALA B 119 -26.08 -7.03 5.34
CA ALA B 119 -25.06 -6.96 6.37
C ALA B 119 -23.71 -7.35 5.76
N PHE B 120 -22.65 -6.85 6.39
CA PHE B 120 -21.28 -7.25 6.08
C PHE B 120 -20.79 -8.11 7.23
N TYR B 121 -20.39 -9.35 6.92
CA TYR B 121 -20.16 -10.35 7.95
C TYR B 121 -18.88 -11.13 7.71
N LEU B 122 -18.28 -11.53 8.82
CA LEU B 122 -17.14 -12.44 8.87
C LEU B 122 -17.61 -13.75 9.49
N ALA B 123 -17.33 -14.86 8.81
CA ALA B 123 -17.82 -16.17 9.22
C ALA B 123 -16.74 -17.22 9.02
N PRO B 124 -16.96 -18.47 9.43
CA PRO B 124 -16.01 -19.52 9.12
C PRO B 124 -15.94 -19.75 7.62
N PRO B 125 -14.82 -20.25 7.11
CA PRO B 125 -14.72 -20.46 5.65
C PRO B 125 -15.78 -21.40 5.10
N ASP B 126 -16.20 -22.40 5.88
CA ASP B 126 -17.16 -23.40 5.42
C ASP B 126 -18.60 -23.03 5.78
N SER B 127 -18.87 -21.75 6.04
CA SER B 127 -20.21 -21.34 6.40
C SER B 127 -21.15 -21.45 5.20
N GLN B 128 -22.36 -21.95 5.44
CA GLN B 128 -23.40 -22.07 4.43
C GLN B 128 -24.71 -21.50 4.98
N ILE B 129 -25.70 -21.39 4.10
CA ILE B 129 -26.99 -20.81 4.47
C ILE B 129 -27.72 -21.79 5.40
N PRO B 130 -28.10 -21.39 6.61
CA PRO B 130 -28.87 -22.29 7.46
C PRO B 130 -30.21 -22.65 6.84
N SER B 131 -30.66 -23.87 7.12
CA SER B 131 -31.95 -24.32 6.63
C SER B 131 -33.09 -23.64 7.38
N GLY B 132 -34.25 -23.57 6.72
CA GLY B 132 -35.42 -22.97 7.31
C GLY B 132 -35.54 -21.49 6.99
N SER B 133 -36.55 -20.88 7.60
CA SER B 133 -36.82 -19.45 7.39
C SER B 133 -35.65 -18.64 7.93
N VAL B 134 -34.93 -17.97 7.02
CA VAL B 134 -33.77 -17.16 7.37
C VAL B 134 -33.93 -15.73 6.88
N SER B 135 -35.16 -15.31 6.56
CA SER B 135 -35.39 -13.97 6.04
C SER B 135 -35.16 -12.92 7.12
N LYS B 136 -35.87 -13.04 8.24
CA LYS B 136 -35.76 -12.05 9.31
C LYS B 136 -34.39 -12.03 9.97
N TYR B 137 -33.56 -13.06 9.75
CA TYR B 137 -32.22 -13.13 10.30
C TYR B 137 -31.15 -12.71 9.30
N LEU B 138 -31.55 -12.11 8.18
CA LEU B 138 -30.61 -11.62 7.17
C LEU B 138 -29.76 -12.74 6.58
N GLY B 139 -30.33 -13.95 6.51
CA GLY B 139 -29.63 -15.06 5.90
C GLY B 139 -28.39 -15.52 6.64
N LEU B 140 -28.26 -15.16 7.92
CA LEU B 140 -27.11 -15.54 8.73
C LEU B 140 -27.44 -16.61 9.75
N PHE B 141 -28.61 -16.54 10.36
CA PHE B 141 -29.06 -17.48 11.38
C PHE B 141 -30.45 -17.99 11.03
N ASN B 142 -30.91 -18.99 11.78
CA ASN B 142 -32.30 -19.42 11.72
C ASN B 142 -32.94 -19.54 13.09
N ASN B 143 -32.24 -19.15 14.15
CA ASN B 143 -32.79 -19.12 15.51
C ASN B 143 -32.47 -17.77 16.14
N SER B 144 -33.42 -17.28 16.95
CA SER B 144 -33.26 -15.98 17.58
C SER B 144 -32.27 -15.99 18.74
N ASN B 145 -32.02 -17.14 19.34
CA ASN B 145 -31.09 -17.20 20.46
C ASN B 145 -29.64 -17.08 19.99
N SER B 146 -28.78 -16.66 20.90
CA SER B 146 -27.36 -16.45 20.63
C SER B 146 -26.57 -17.65 21.14
N ASP B 147 -25.75 -18.23 20.25
CA ASP B 147 -24.91 -19.37 20.60
C ASP B 147 -23.48 -19.06 20.17
N SER B 148 -22.52 -19.38 21.05
CA SER B 148 -21.13 -19.08 20.78
C SER B 148 -20.55 -19.92 19.65
N SER B 149 -21.21 -21.02 19.29
CA SER B 149 -20.72 -21.89 18.22
C SER B 149 -20.91 -21.29 16.83
N ASN B 150 -21.73 -20.24 16.69
CA ASN B 150 -21.95 -19.66 15.37
C ASN B 150 -20.66 -19.07 14.80
N GLN B 151 -19.90 -18.35 15.64
CA GLN B 151 -18.63 -17.76 15.21
C GLN B 151 -18.83 -16.81 14.03
N ILE B 152 -19.90 -16.01 14.09
CA ILE B 152 -20.23 -15.05 13.04
C ILE B 152 -20.24 -13.66 13.66
N VAL B 153 -19.54 -12.73 13.04
CA VAL B 153 -19.49 -11.33 13.49
C VAL B 153 -19.93 -10.46 12.32
N ALA B 154 -21.00 -9.70 12.51
CA ALA B 154 -21.65 -8.99 11.42
C ALA B 154 -21.95 -7.55 11.79
N VAL B 155 -22.01 -6.71 10.77
CA VAL B 155 -22.52 -5.35 10.87
C VAL B 155 -23.73 -5.28 9.94
N GLU B 156 -24.92 -5.14 10.53
CA GLU B 156 -26.16 -5.19 9.78
C GLU B 156 -26.74 -3.80 9.59
N PHE B 157 -27.34 -3.59 8.42
CA PHE B 157 -28.10 -2.38 8.12
C PHE B 157 -29.57 -2.82 8.04
N ASP B 158 -30.22 -2.86 9.20
CA ASP B 158 -31.57 -3.40 9.31
C ASP B 158 -32.58 -2.31 8.99
N THR B 159 -33.38 -2.52 7.95
CA THR B 159 -34.39 -1.58 7.50
C THR B 159 -35.80 -1.97 7.93
N TYR B 160 -35.96 -3.13 8.56
CA TYR B 160 -37.27 -3.62 9.01
C TYR B 160 -37.33 -3.50 10.53
N PHE B 161 -38.25 -2.66 11.01
CA PHE B 161 -38.38 -2.38 12.43
C PHE B 161 -39.61 -3.06 13.04
N GLY B 162 -40.10 -4.12 12.42
CA GLY B 162 -41.30 -4.78 12.92
C GLY B 162 -41.10 -5.31 14.32
N HIS B 163 -42.18 -5.30 15.10
CA HIS B 163 -42.14 -5.75 16.48
C HIS B 163 -42.58 -7.20 16.66
N SER B 164 -43.60 -7.64 15.92
CA SER B 164 -44.06 -9.01 16.05
C SER B 164 -43.05 -9.99 15.48
N TYR B 165 -42.53 -9.71 14.28
CA TYR B 165 -41.56 -10.61 13.66
C TYR B 165 -40.15 -10.38 14.16
N ASP B 166 -39.80 -9.15 14.52
CA ASP B 166 -38.47 -8.78 15.01
C ASP B 166 -38.62 -8.06 16.34
N PRO B 167 -39.05 -8.77 17.39
CA PRO B 167 -39.17 -8.10 18.70
C PRO B 167 -37.84 -7.59 19.23
N TRP B 168 -36.73 -8.25 18.89
CA TRP B 168 -35.43 -7.82 19.37
C TRP B 168 -35.01 -6.48 18.78
N ASP B 169 -35.33 -6.22 17.52
CA ASP B 169 -34.90 -4.99 16.88
C ASP B 169 -35.62 -3.79 17.47
N PRO B 170 -34.99 -2.60 17.47
CA PRO B 170 -35.67 -1.41 17.97
C PRO B 170 -36.80 -0.94 17.07
N ASN B 171 -37.44 0.17 17.44
CA ASN B 171 -38.62 0.66 16.73
C ASN B 171 -38.26 1.33 15.40
N TYR B 172 -37.00 1.71 15.20
CA TYR B 172 -36.59 2.49 14.05
C TYR B 172 -35.58 1.71 13.21
N ARG B 173 -35.46 2.12 11.94
CA ARG B 173 -34.42 1.57 11.08
C ARG B 173 -33.06 1.85 11.71
N HIS B 174 -32.18 0.85 11.68
CA HIS B 174 -30.98 0.93 12.49
C HIS B 174 -29.79 0.28 11.80
N ILE B 175 -28.61 0.63 12.28
CA ILE B 175 -27.35 -0.03 11.94
C ILE B 175 -26.84 -0.65 13.22
N GLY B 176 -26.65 -1.98 13.20
CA GLY B 176 -26.33 -2.71 14.41
C GLY B 176 -25.11 -3.58 14.23
N ILE B 177 -24.55 -4.00 15.37
CA ILE B 177 -23.41 -4.90 15.42
C ILE B 177 -23.88 -6.21 16.07
N ASP B 178 -23.70 -7.32 15.35
CA ASP B 178 -24.18 -8.63 15.78
C ASP B 178 -22.97 -9.51 16.07
N VAL B 179 -22.99 -10.14 17.24
CA VAL B 179 -21.93 -11.04 17.68
C VAL B 179 -22.59 -12.34 18.11
N ASN B 180 -22.49 -13.38 17.26
CA ASN B 180 -23.02 -14.70 17.57
C ASN B 180 -24.53 -14.65 17.88
N GLY B 181 -25.25 -13.76 17.21
CA GLY B 181 -26.68 -13.67 17.42
C GLY B 181 -27.32 -12.51 16.69
N ILE B 182 -28.59 -12.64 16.35
CA ILE B 182 -29.30 -11.57 15.66
C ILE B 182 -29.46 -10.34 16.55
N GLU B 183 -29.65 -10.54 17.85
CA GLU B 183 -29.81 -9.41 18.76
C GLU B 183 -28.51 -8.62 18.82
N SER B 184 -28.50 -7.43 18.23
CA SER B 184 -27.30 -6.63 18.14
C SER B 184 -26.93 -6.07 19.51
N ILE B 185 -25.63 -6.17 19.84
CA ILE B 185 -25.16 -5.64 21.10
C ILE B 185 -25.30 -4.12 21.14
N LYS B 186 -25.08 -3.46 20.00
CA LYS B 186 -25.21 -2.02 19.92
C LYS B 186 -25.77 -1.62 18.57
N THR B 187 -26.70 -0.68 18.60
CA THR B 187 -27.40 -0.20 17.40
C THR B 187 -27.44 1.33 17.42
N VAL B 188 -27.51 1.91 16.23
CA VAL B 188 -27.63 3.35 16.05
C VAL B 188 -28.75 3.62 15.05
N GLN B 189 -29.57 4.62 15.36
CA GLN B 189 -30.66 5.00 14.47
C GLN B 189 -30.10 5.47 13.13
N TRP B 190 -30.70 5.00 12.04
CA TRP B 190 -30.24 5.30 10.70
C TRP B 190 -31.42 5.70 9.84
N ASP B 191 -31.30 6.82 9.15
CA ASP B 191 -32.34 7.32 8.26
C ASP B 191 -32.06 6.79 6.85
N TRP B 192 -32.88 5.84 6.41
CA TRP B 192 -32.71 5.22 5.10
C TRP B 192 -33.27 6.14 4.02
N ILE B 193 -32.57 6.22 2.89
CA ILE B 193 -32.97 7.03 1.75
C ILE B 193 -33.17 6.10 0.57
N ASN B 194 -34.37 6.15 -0.01
CA ASN B 194 -34.68 5.29 -1.15
C ASN B 194 -33.91 5.76 -2.38
N GLY B 195 -33.26 4.82 -3.06
CA GLY B 195 -32.47 5.17 -4.23
C GLY B 195 -31.32 6.09 -3.91
N GLY B 196 -30.71 5.93 -2.73
CA GLY B 196 -29.60 6.76 -2.31
C GLY B 196 -28.32 5.96 -2.12
N VAL B 197 -27.23 6.45 -2.68
CA VAL B 197 -25.94 5.76 -2.57
C VAL B 197 -25.38 5.99 -1.18
N ALA B 198 -25.01 4.92 -0.51
CA ALA B 198 -24.47 4.96 0.85
C ALA B 198 -23.04 4.45 0.84
N PHE B 199 -22.14 5.24 1.42
CA PHE B 199 -20.73 4.87 1.54
C PHE B 199 -20.47 4.41 2.97
N ALA B 200 -20.13 3.14 3.15
CA ALA B 200 -19.96 2.53 4.45
C ALA B 200 -18.50 2.15 4.66
N THR B 201 -18.05 2.28 5.91
CA THR B 201 -16.69 1.94 6.30
C THR B 201 -16.72 1.22 7.65
N ILE B 202 -16.03 0.08 7.71
CA ILE B 202 -15.96 -0.73 8.92
C ILE B 202 -14.51 -0.95 9.26
N THR B 203 -14.12 -0.59 10.49
CA THR B 203 -12.74 -0.67 10.93
C THR B 203 -12.67 -1.38 12.28
N TYR B 204 -11.79 -2.38 12.37
CA TYR B 204 -11.54 -3.10 13.61
C TYR B 204 -10.12 -2.80 14.07
N LEU B 205 -10.01 -2.29 15.29
CA LEU B 205 -8.73 -2.07 15.96
C LEU B 205 -8.57 -3.18 17.00
N ALA B 206 -7.58 -4.04 16.79
CA ALA B 206 -7.42 -5.20 17.66
C ALA B 206 -6.79 -4.83 19.01
N PRO B 207 -5.74 -4.01 19.09
CA PRO B 207 -5.18 -3.68 20.40
C PRO B 207 -6.19 -3.05 21.34
N ASN B 208 -7.11 -2.23 20.81
CA ASN B 208 -8.17 -1.64 21.59
C ASN B 208 -9.46 -2.46 21.57
N LYS B 209 -9.50 -3.53 20.79
CA LYS B 209 -10.65 -4.44 20.75
C LYS B 209 -11.93 -3.69 20.40
N THR B 210 -11.86 -2.83 19.39
CA THR B 210 -12.95 -1.92 19.04
C THR B 210 -13.38 -2.15 17.60
N LEU B 211 -14.68 -2.23 17.37
CA LEU B 211 -15.27 -2.32 16.04
C LEU B 211 -16.07 -1.05 15.79
N ILE B 212 -15.78 -0.38 14.67
CA ILE B 212 -16.40 0.90 14.33
C ILE B 212 -17.06 0.75 12.98
N ALA B 213 -18.32 1.17 12.88
CA ALA B 213 -19.06 1.16 11.63
C ALA B 213 -19.61 2.57 11.37
N SER B 214 -19.37 3.07 10.16
CA SER B 214 -19.83 4.39 9.76
C SER B 214 -20.50 4.31 8.40
N LEU B 215 -21.51 5.14 8.22
CA LEU B 215 -22.26 5.23 6.96
C LEU B 215 -22.45 6.70 6.63
N VAL B 216 -22.32 7.02 5.34
CA VAL B 216 -22.36 8.40 4.87
C VAL B 216 -23.27 8.48 3.65
N TYR B 217 -24.14 9.48 3.63
CA TYR B 217 -24.92 9.86 2.45
C TYR B 217 -24.39 11.19 1.96
N PRO B 218 -23.57 11.23 0.91
CA PRO B 218 -23.12 12.51 0.36
C PRO B 218 -24.18 13.30 -0.38
N SER B 219 -25.28 12.66 -0.80
CA SER B 219 -26.35 13.37 -1.48
C SER B 219 -27.04 14.37 -0.55
N ASN B 220 -27.23 14.00 0.72
CA ASN B 220 -27.72 14.91 1.75
C ASN B 220 -26.65 15.26 2.77
N GLN B 221 -25.46 14.67 2.66
CA GLN B 221 -24.35 14.96 3.57
C GLN B 221 -24.74 14.64 5.01
N THR B 222 -25.08 13.38 5.25
CA THR B 222 -25.44 12.90 6.58
C THR B 222 -24.55 11.72 6.97
N THR B 223 -24.27 11.59 8.26
CA THR B 223 -23.39 10.55 8.77
C THR B 223 -24.03 9.85 9.95
N PHE B 224 -23.78 8.54 10.04
CA PHE B 224 -24.23 7.73 11.16
C PHE B 224 -23.10 6.78 11.55
N SER B 225 -22.66 6.85 12.80
CA SER B 225 -21.52 6.10 13.28
C SER B 225 -21.87 5.35 14.56
N VAL B 226 -21.18 4.23 14.77
CA VAL B 226 -21.38 3.41 15.96
C VAL B 226 -20.09 2.66 16.25
N ALA B 227 -19.86 2.38 17.53
CA ALA B 227 -18.69 1.62 17.97
C ALA B 227 -19.11 0.62 19.03
N ALA B 228 -18.35 -0.47 19.10
CA ALA B 228 -18.63 -1.53 20.06
C ALA B 228 -17.33 -2.21 20.45
N SER B 229 -17.37 -2.93 21.58
CA SER B 229 -16.22 -3.62 22.13
C SER B 229 -16.37 -5.12 21.87
N VAL B 230 -15.54 -5.66 20.99
CA VAL B 230 -15.54 -7.07 20.65
C VAL B 230 -14.10 -7.57 20.61
N ASP B 231 -13.93 -8.85 20.93
CA ASP B 231 -12.62 -9.52 20.90
C ASP B 231 -12.74 -10.72 19.97
N LEU B 232 -12.07 -10.65 18.82
CA LEU B 232 -12.16 -11.71 17.82
C LEU B 232 -11.42 -12.98 18.24
N LYS B 233 -10.63 -12.93 19.30
CA LYS B 233 -9.91 -14.11 19.75
C LYS B 233 -10.87 -15.21 20.16
N GLU B 234 -11.84 -14.89 21.02
CA GLU B 234 -12.76 -15.89 21.54
C GLU B 234 -13.90 -16.20 20.59
N ILE B 235 -14.27 -15.24 19.74
CA ILE B 235 -15.44 -15.39 18.89
C ILE B 235 -15.09 -16.15 17.62
N LEU B 236 -14.19 -15.57 16.82
CA LEU B 236 -13.90 -16.14 15.50
C LEU B 236 -12.70 -17.07 15.56
N PRO B 237 -12.61 -18.04 14.63
CA PRO B 237 -11.42 -18.90 14.57
C PRO B 237 -10.23 -18.18 13.96
N GLU B 238 -9.12 -18.90 13.78
CA GLU B 238 -7.92 -18.30 13.22
C GLU B 238 -8.15 -17.81 11.80
N TRP B 239 -8.84 -18.61 10.98
CA TRP B 239 -9.09 -18.30 9.59
C TRP B 239 -10.59 -18.09 9.38
N VAL B 240 -10.93 -16.98 8.72
CA VAL B 240 -12.33 -16.62 8.48
C VAL B 240 -12.47 -16.16 7.02
N ARG B 241 -13.71 -15.94 6.63
CA ARG B 241 -14.06 -15.41 5.33
C ARG B 241 -14.95 -14.19 5.50
N VAL B 242 -14.68 -13.16 4.71
CA VAL B 242 -15.41 -11.90 4.76
C VAL B 242 -16.39 -11.86 3.60
N GLY B 243 -17.48 -11.14 3.79
CA GLY B 243 -18.42 -10.97 2.68
C GLY B 243 -19.66 -10.23 3.11
N PHE B 244 -20.69 -10.34 2.26
CA PHE B 244 -21.95 -9.67 2.43
C PHE B 244 -23.09 -10.68 2.39
N SER B 245 -24.19 -10.33 3.05
CA SER B 245 -25.42 -11.12 3.04
C SER B 245 -26.61 -10.20 2.92
N ALA B 246 -27.71 -10.71 2.37
CA ALA B 246 -28.93 -9.93 2.23
C ALA B 246 -30.13 -10.85 2.13
N ALA B 247 -31.29 -10.33 2.54
CA ALA B 247 -32.51 -11.11 2.56
C ALA B 247 -33.71 -10.23 2.22
N THR B 248 -34.79 -10.87 1.78
CA THR B 248 -36.05 -10.20 1.46
C THR B 248 -37.21 -11.00 2.03
N GLY B 249 -38.35 -10.31 2.17
CA GLY B 249 -39.53 -10.90 2.80
C GLY B 249 -40.73 -11.00 1.89
N TYR B 250 -41.85 -10.41 2.33
CA TYR B 250 -43.10 -10.55 1.59
C TYR B 250 -43.06 -9.75 0.29
N PRO B 251 -43.83 -10.15 -0.72
CA PRO B 251 -43.78 -9.45 -2.01
C PRO B 251 -44.16 -7.99 -1.93
N THR B 252 -45.07 -7.60 -1.04
CA THR B 252 -45.52 -6.22 -0.99
C THR B 252 -44.41 -5.29 -0.51
N GLU B 253 -43.57 -5.77 0.42
CA GLU B 253 -42.54 -4.96 1.06
C GLU B 253 -41.13 -5.32 0.59
N VAL B 254 -40.98 -5.69 -0.69
CA VAL B 254 -39.67 -6.08 -1.20
C VAL B 254 -38.78 -4.85 -1.39
N GLU B 255 -37.50 -5.11 -1.61
CA GLU B 255 -36.54 -4.06 -1.93
C GLU B 255 -35.37 -4.67 -2.69
N THR B 256 -34.56 -3.81 -3.29
CA THR B 256 -33.38 -4.20 -4.04
C THR B 256 -32.14 -3.77 -3.27
N HIS B 257 -31.24 -4.71 -3.03
CA HIS B 257 -29.94 -4.46 -2.40
C HIS B 257 -28.87 -4.60 -3.47
N ASP B 258 -28.00 -3.59 -3.57
CA ASP B 258 -26.94 -3.57 -4.57
C ASP B 258 -25.65 -3.09 -3.94
N VAL B 259 -24.53 -3.60 -4.44
CA VAL B 259 -23.20 -3.17 -4.02
C VAL B 259 -22.43 -2.77 -5.28
N LEU B 260 -21.84 -1.58 -5.26
CA LEU B 260 -21.14 -1.04 -6.42
C LEU B 260 -19.63 -1.19 -6.34
N SER B 261 -19.06 -1.02 -5.15
CA SER B 261 -17.62 -1.13 -4.96
C SER B 261 -17.35 -1.68 -3.57
N TRP B 262 -16.15 -2.22 -3.40
CA TRP B 262 -15.78 -2.84 -2.12
C TRP B 262 -14.28 -2.96 -2.02
N SER B 263 -13.71 -2.35 -0.98
CA SER B 263 -12.28 -2.39 -0.72
C SER B 263 -12.03 -2.92 0.69
N PHE B 264 -11.01 -3.76 0.83
CA PHE B 264 -10.68 -4.39 2.09
C PHE B 264 -9.17 -4.39 2.26
N THR B 265 -8.72 -4.23 3.51
CA THR B 265 -7.31 -4.29 3.83
C THR B 265 -7.15 -4.72 5.28
N SER B 266 -6.25 -5.67 5.51
CA SER B 266 -6.01 -6.19 6.85
C SER B 266 -4.53 -6.53 6.99
N THR B 267 -3.99 -6.30 8.18
CA THR B 267 -2.61 -6.61 8.50
C THR B 267 -2.56 -7.31 9.85
N LEU B 268 -1.60 -8.22 9.99
CA LEU B 268 -1.40 -8.99 11.22
C LEU B 268 -0.12 -8.48 11.88
N GLU B 269 -0.28 -7.51 12.77
CA GLU B 269 0.86 -6.95 13.48
C GLU B 269 1.31 -7.88 14.61
N ALA B 270 2.61 -8.03 14.76
CA ALA B 270 3.18 -8.93 15.75
C ALA B 270 3.39 -8.21 17.08
N ASN B 271 3.05 -8.90 18.16
CA ASN B 271 3.23 -8.39 19.52
C ASN B 271 4.35 -9.17 20.19
N CYS B 272 5.39 -8.45 20.62
CA CYS B 272 6.54 -9.05 21.30
C CYS B 272 6.37 -9.11 22.80
N ASP B 273 5.27 -8.59 23.34
CA ASP B 273 5.03 -8.64 24.78
C ASP B 273 4.74 -10.07 25.23
N ALA B 274 3.87 -10.78 24.50
CA ALA B 274 3.56 -12.15 24.86
C ALA B 274 4.76 -13.07 24.66
N ALA B 275 5.49 -12.89 23.57
CA ALA B 275 6.65 -13.72 23.28
C ALA B 275 7.85 -13.28 24.10
N SER C 30 -9.69 -7.89 -7.45
CA SER C 30 -9.89 -7.84 -8.92
C SER C 30 -9.05 -6.74 -9.54
N ASP C 31 -9.48 -5.48 -9.38
CA ASP C 31 -8.71 -4.36 -9.91
C ASP C 31 -7.34 -4.27 -9.25
N GLU C 32 -7.28 -4.45 -7.93
CA GLU C 32 -6.04 -4.45 -7.19
C GLU C 32 -6.07 -5.60 -6.19
N LEU C 33 -4.95 -6.29 -6.06
CA LEU C 33 -4.83 -7.40 -5.11
C LEU C 33 -3.38 -7.49 -4.64
N SER C 34 -3.18 -7.40 -3.33
CA SER C 34 -1.84 -7.48 -2.75
C SER C 34 -1.91 -8.30 -1.47
N PHE C 35 -0.98 -9.24 -1.33
CA PHE C 35 -0.86 -10.02 -0.10
C PHE C 35 0.60 -10.33 0.16
N THR C 36 0.89 -10.70 1.41
CA THR C 36 2.24 -11.02 1.84
C THR C 36 2.16 -12.11 2.89
N ILE C 37 2.96 -13.17 2.72
CA ILE C 37 3.04 -14.28 3.65
C ILE C 37 4.50 -14.39 4.05
N ASN C 38 4.85 -13.88 5.23
CA ASN C 38 6.21 -14.01 5.73
C ASN C 38 6.48 -15.40 6.27
N ASN C 39 5.47 -16.01 6.90
CA ASN C 39 5.59 -17.36 7.44
C ASN C 39 4.36 -18.16 7.09
N PHE C 40 4.53 -19.47 6.98
CA PHE C 40 3.47 -20.40 6.64
C PHE C 40 3.07 -21.22 7.85
N VAL C 41 1.87 -21.79 7.78
CA VAL C 41 1.33 -22.61 8.86
C VAL C 41 0.82 -23.93 8.28
N PRO C 42 0.78 -25.02 9.06
CA PRO C 42 0.24 -26.27 8.53
C PRO C 42 -1.21 -26.13 8.11
N ASN C 43 -1.57 -26.80 7.02
CA ASN C 43 -2.93 -26.81 6.50
C ASN C 43 -3.45 -25.39 6.29
N GLU C 44 -2.61 -24.57 5.67
CA GLU C 44 -2.97 -23.17 5.43
C GLU C 44 -4.21 -23.09 4.55
N ALA C 45 -5.16 -22.23 4.94
CA ALA C 45 -6.46 -22.21 4.29
C ALA C 45 -6.41 -21.51 2.93
N ASP C 46 -5.63 -20.43 2.82
CA ASP C 46 -5.61 -19.62 1.60
C ASP C 46 -4.68 -20.19 0.54
N LEU C 47 -4.13 -21.38 0.75
CA LEU C 47 -3.28 -22.05 -0.24
C LEU C 47 -3.93 -23.35 -0.64
N LEU C 48 -4.05 -23.58 -1.94
CA LEU C 48 -4.56 -24.82 -2.50
C LEU C 48 -3.39 -25.69 -2.91
N PHE C 49 -3.35 -26.92 -2.39
CA PHE C 49 -2.25 -27.84 -2.61
C PHE C 49 -2.70 -28.96 -3.54
N GLN C 50 -1.89 -29.23 -4.57
CA GLN C 50 -2.12 -30.35 -5.48
C GLN C 50 -0.87 -31.22 -5.47
N GLY C 51 -1.08 -32.53 -5.46
CA GLY C 51 0.03 -33.47 -5.38
C GLY C 51 0.36 -33.78 -3.93
N GLU C 52 1.65 -33.72 -3.59
CA GLU C 52 2.14 -34.07 -2.27
C GLU C 52 2.75 -32.88 -1.54
N ALA C 53 2.45 -31.66 -1.97
CA ALA C 53 2.97 -30.48 -1.29
C ALA C 53 2.32 -30.32 0.09
N SER C 54 3.10 -29.81 1.03
CA SER C 54 2.62 -29.63 2.40
C SER C 54 3.45 -28.56 3.08
N VAL C 55 2.99 -28.14 4.26
CA VAL C 55 3.66 -27.14 5.08
C VAL C 55 4.12 -27.82 6.36
N SER C 56 5.39 -27.63 6.70
CA SER C 56 5.96 -28.28 7.88
C SER C 56 5.50 -27.58 9.16
N SER C 57 5.75 -28.25 10.29
CA SER C 57 5.43 -27.66 11.57
C SER C 57 6.28 -26.42 11.85
N THR C 58 7.52 -26.41 11.35
CA THR C 58 8.40 -25.27 11.57
C THR C 58 7.96 -24.03 10.79
N GLY C 59 7.03 -24.17 9.85
CA GLY C 59 6.53 -23.04 9.09
C GLY C 59 7.17 -22.83 7.74
N VAL C 60 7.66 -23.88 7.10
CA VAL C 60 8.28 -23.80 5.78
C VAL C 60 7.43 -24.58 4.80
N LEU C 61 7.20 -23.98 3.63
CA LEU C 61 6.35 -24.59 2.60
C LEU C 61 7.16 -25.58 1.80
N GLN C 62 6.82 -26.86 1.92
CA GLN C 62 7.56 -27.96 1.31
C GLN C 62 6.74 -28.55 0.17
N LEU C 63 7.17 -28.29 -1.06
CA LEU C 63 6.50 -28.85 -2.23
C LEU C 63 6.76 -30.34 -2.39
N THR C 64 7.90 -30.84 -1.93
CA THR C 64 8.27 -32.24 -2.02
C THR C 64 8.27 -32.84 -0.63
N ARG C 65 7.66 -34.02 -0.48
CA ARG C 65 7.57 -34.63 0.84
C ARG C 65 8.97 -35.01 1.32
N VAL C 66 9.21 -34.81 2.61
CA VAL C 66 10.50 -35.09 3.23
C VAL C 66 10.26 -36.05 4.40
N GLU C 67 10.98 -37.16 4.41
CA GLU C 67 10.99 -38.10 5.53
C GLU C 67 12.27 -37.87 6.32
N ASN C 68 12.11 -37.73 7.64
CA ASN C 68 13.19 -37.57 8.62
C ASN C 68 14.38 -36.79 8.08
N GLY C 69 14.10 -35.65 7.44
CA GLY C 69 15.16 -34.78 6.94
C GLY C 69 15.77 -35.20 5.62
N GLN C 70 15.13 -36.11 4.88
CA GLN C 70 15.66 -36.59 3.61
C GLN C 70 14.58 -36.44 2.54
N PRO C 71 14.89 -35.86 1.37
CA PRO C 71 13.90 -35.81 0.30
C PRO C 71 13.62 -37.19 -0.28
N GLN C 72 12.45 -37.30 -0.90
CA GLN C 72 12.00 -38.53 -1.54
C GLN C 72 12.13 -38.41 -3.05
N GLN C 73 11.78 -39.49 -3.74
CA GLN C 73 11.93 -39.61 -5.19
C GLN C 73 10.57 -39.66 -5.86
N TYR C 74 10.53 -39.14 -7.09
CA TYR C 74 9.30 -39.06 -7.87
C TYR C 74 8.19 -38.37 -7.09
N SER C 75 8.52 -37.20 -6.55
CA SER C 75 7.59 -36.37 -5.80
C SER C 75 7.31 -35.09 -6.59
N VAL C 76 6.03 -34.81 -6.81
CA VAL C 76 5.60 -33.62 -7.56
C VAL C 76 4.62 -32.86 -6.68
N GLY C 77 4.81 -31.56 -6.57
CA GLY C 77 3.97 -30.72 -5.74
C GLY C 77 3.63 -29.41 -6.42
N ARG C 78 2.45 -28.90 -6.10
CA ARG C 78 2.00 -27.60 -6.62
C ARG C 78 1.20 -26.89 -5.54
N ALA C 79 1.41 -25.60 -5.41
CA ALA C 79 0.65 -24.75 -4.50
C ALA C 79 0.15 -23.54 -5.28
N LEU C 80 -1.06 -23.11 -4.98
CA LEU C 80 -1.65 -21.95 -5.63
C LEU C 80 -2.34 -21.07 -4.59
N TYR C 81 -2.44 -19.78 -4.92
CA TYR C 81 -3.24 -18.89 -4.09
C TYR C 81 -4.72 -19.14 -4.34
N ALA C 82 -5.51 -19.07 -3.27
CA ALA C 82 -6.92 -19.42 -3.37
C ALA C 82 -7.67 -18.46 -4.30
N ALA C 83 -7.42 -17.17 -4.17
CA ALA C 83 -8.15 -16.19 -4.96
C ALA C 83 -7.58 -16.12 -6.37
N PRO C 84 -8.39 -16.31 -7.41
CA PRO C 84 -7.89 -16.07 -8.77
C PRO C 84 -7.56 -14.60 -8.98
N VAL C 85 -6.59 -14.36 -9.87
CA VAL C 85 -6.08 -13.03 -10.15
C VAL C 85 -6.59 -12.60 -11.52
N ARG C 86 -7.11 -11.38 -11.60
CA ARG C 86 -7.63 -10.82 -12.85
C ARG C 86 -6.50 -10.14 -13.59
N ILE C 87 -6.31 -10.52 -14.85
CA ILE C 87 -5.21 -10.01 -15.67
C ILE C 87 -5.68 -8.92 -16.63
N TRP C 88 -6.74 -9.18 -17.38
CA TRP C 88 -7.20 -8.26 -18.40
C TRP C 88 -8.71 -8.35 -18.57
N ASP C 89 -9.26 -7.35 -19.23
CA ASP C 89 -10.69 -7.28 -19.54
C ASP C 89 -10.87 -7.25 -21.05
N ASN C 90 -11.82 -8.07 -21.55
CA ASN C 90 -12.08 -8.10 -22.98
C ASN C 90 -12.81 -6.86 -23.45
N THR C 91 -13.65 -6.27 -22.59
CA THR C 91 -14.46 -5.13 -23.02
C THR C 91 -13.63 -3.85 -23.06
N THR C 92 -13.11 -3.43 -21.92
CA THR C 92 -12.34 -2.19 -21.87
C THR C 92 -11.01 -2.34 -22.61
N GLY C 93 -10.37 -3.49 -22.48
CA GLY C 93 -9.04 -3.72 -23.01
C GLY C 93 -7.93 -3.50 -22.01
N SER C 94 -8.26 -3.19 -20.76
CA SER C 94 -7.23 -2.97 -19.75
C SER C 94 -6.46 -4.25 -19.49
N VAL C 95 -5.17 -4.09 -19.18
CA VAL C 95 -4.28 -5.21 -18.89
C VAL C 95 -3.51 -4.88 -17.62
N ALA C 96 -3.31 -5.87 -16.76
CA ALA C 96 -2.72 -5.65 -15.46
C ALA C 96 -1.20 -5.86 -15.50
N SER C 97 -0.50 -5.00 -14.76
CA SER C 97 0.92 -5.15 -14.49
C SER C 97 1.10 -5.48 -13.01
N PHE C 98 2.07 -6.33 -12.71
CA PHE C 98 2.20 -6.84 -11.35
C PHE C 98 3.66 -7.06 -11.00
N SER C 99 3.88 -7.36 -9.73
CA SER C 99 5.21 -7.66 -9.20
C SER C 99 5.06 -8.57 -7.98
N THR C 100 6.01 -9.48 -7.81
CA THR C 100 6.01 -10.38 -6.68
C THR C 100 7.44 -10.71 -6.29
N SER C 101 7.61 -11.10 -5.02
CA SER C 101 8.91 -11.44 -4.49
C SER C 101 8.74 -12.57 -3.49
N PHE C 102 9.75 -13.45 -3.43
CA PHE C 102 9.72 -14.57 -2.51
C PHE C 102 11.14 -15.01 -2.20
N THR C 103 11.25 -15.88 -1.20
CA THR C 103 12.52 -16.47 -0.79
C THR C 103 12.39 -17.99 -0.82
N PHE C 104 13.35 -18.65 -1.45
CA PHE C 104 13.31 -20.10 -1.59
C PHE C 104 14.70 -20.67 -1.37
N VAL C 105 14.71 -21.95 -1.00
CA VAL C 105 15.93 -22.70 -0.70
C VAL C 105 15.88 -24.02 -1.45
N VAL C 106 16.99 -24.37 -2.11
CA VAL C 106 17.15 -25.66 -2.75
C VAL C 106 18.36 -26.33 -2.12
N LYS C 107 18.14 -27.47 -1.47
CA LYS C 107 19.20 -28.16 -0.73
C LYS C 107 19.17 -29.64 -1.08
N ALA C 108 20.26 -30.12 -1.70
CA ALA C 108 20.38 -31.49 -2.12
C ALA C 108 21.51 -32.20 -1.35
N PRO C 109 21.31 -33.45 -0.93
CA PRO C 109 22.42 -34.18 -0.30
C PRO C 109 23.62 -34.34 -1.20
N ASN C 110 23.41 -34.47 -2.51
CA ASN C 110 24.50 -34.65 -3.46
C ASN C 110 24.65 -33.40 -4.31
N PRO C 111 25.63 -32.53 -4.04
CA PRO C 111 25.76 -31.31 -4.86
C PRO C 111 26.08 -31.57 -6.33
N ASP C 112 26.60 -32.75 -6.67
CA ASP C 112 27.05 -33.01 -8.03
C ASP C 112 25.89 -32.94 -9.02
N ILE C 113 24.81 -33.65 -8.74
CA ILE C 113 23.66 -33.76 -9.63
C ILE C 113 22.39 -33.49 -8.85
N THR C 114 21.46 -32.77 -9.47
CA THR C 114 20.18 -32.45 -8.87
C THR C 114 19.05 -32.84 -9.82
N SER C 115 17.83 -32.89 -9.29
CA SER C 115 16.67 -33.39 -10.00
C SER C 115 15.70 -32.25 -10.30
N ASP C 116 15.42 -32.04 -11.59
CA ASP C 116 14.32 -31.18 -12.03
C ASP C 116 14.44 -29.77 -11.44
N GLY C 117 13.54 -29.40 -10.54
CA GLY C 117 13.56 -28.08 -9.96
C GLY C 117 12.14 -27.61 -9.68
N LEU C 118 12.02 -26.29 -9.57
CA LEU C 118 10.75 -25.64 -9.26
C LEU C 118 10.54 -24.46 -10.20
N ALA C 119 9.38 -23.83 -10.06
CA ALA C 119 8.98 -22.72 -10.90
C ALA C 119 7.85 -21.95 -10.25
N PHE C 120 7.72 -20.69 -10.61
CA PHE C 120 6.59 -19.84 -10.24
C PHE C 120 5.75 -19.64 -11.50
N TYR C 121 4.48 -20.03 -11.43
CA TYR C 121 3.66 -20.14 -12.63
C TYR C 121 2.27 -19.55 -12.42
N LEU C 122 1.74 -19.02 -13.52
CA LEU C 122 0.37 -18.56 -13.64
C LEU C 122 -0.36 -19.49 -14.59
N ALA C 123 -1.51 -20.00 -14.16
CA ALA C 123 -2.25 -21.00 -14.92
C ALA C 123 -3.75 -20.71 -14.83
N PRO C 124 -4.59 -21.46 -15.54
CA PRO C 124 -6.03 -21.30 -15.37
C PRO C 124 -6.44 -21.72 -13.97
N PRO C 125 -7.53 -21.17 -13.45
CA PRO C 125 -7.95 -21.54 -12.09
C PRO C 125 -8.20 -23.03 -11.90
N ASP C 126 -8.68 -23.71 -12.93
CA ASP C 126 -9.01 -25.13 -12.84
C ASP C 126 -7.85 -26.04 -13.26
N SER C 127 -6.63 -25.53 -13.26
CA SER C 127 -5.49 -26.33 -13.68
C SER C 127 -5.20 -27.42 -12.65
N GLN C 128 -4.90 -28.62 -13.15
CA GLN C 128 -4.55 -29.77 -12.33
C GLN C 128 -3.28 -30.41 -12.88
N ILE C 129 -2.74 -31.36 -12.13
CA ILE C 129 -1.50 -32.03 -12.51
C ILE C 129 -1.78 -32.93 -13.71
N PRO C 130 -1.08 -32.76 -14.83
CA PRO C 130 -1.28 -33.68 -15.97
C PRO C 130 -0.89 -35.10 -15.60
N SER C 131 -1.59 -36.05 -16.21
CA SER C 131 -1.32 -37.46 -15.99
C SER C 131 -0.02 -37.86 -16.70
N GLY C 132 0.60 -38.91 -16.19
CA GLY C 132 1.84 -39.42 -16.77
C GLY C 132 3.07 -38.82 -16.12
N SER C 133 4.22 -39.18 -16.70
CA SER C 133 5.50 -38.70 -16.20
C SER C 133 5.57 -37.19 -16.38
N VAL C 134 5.61 -36.46 -15.27
CA VAL C 134 5.66 -35.00 -15.28
C VAL C 134 6.87 -34.49 -14.50
N SER C 135 7.86 -35.35 -14.25
CA SER C 135 9.02 -34.94 -13.45
C SER C 135 9.88 -33.96 -14.22
N LYS C 136 10.32 -34.34 -15.42
CA LYS C 136 11.20 -33.49 -16.22
C LYS C 136 10.53 -32.21 -16.68
N TYR C 137 9.20 -32.12 -16.60
CA TYR C 137 8.45 -30.94 -16.99
C TYR C 137 8.07 -30.07 -15.80
N LEU C 138 8.65 -30.33 -14.63
CA LEU C 138 8.40 -29.54 -13.42
C LEU C 138 6.92 -29.57 -13.02
N GLY C 139 6.25 -30.68 -13.29
CA GLY C 139 4.87 -30.83 -12.87
C GLY C 139 3.90 -29.90 -13.55
N LEU C 140 4.27 -29.31 -14.68
CA LEU C 140 3.41 -28.38 -15.41
C LEU C 140 2.85 -28.98 -16.69
N PHE C 141 3.65 -29.77 -17.40
CA PHE C 141 3.26 -30.39 -18.65
C PHE C 141 3.58 -31.88 -18.60
N ASN C 142 3.11 -32.61 -19.62
CA ASN C 142 3.53 -33.99 -19.82
C ASN C 142 3.96 -34.26 -21.25
N ASN C 143 4.03 -33.24 -22.10
CA ASN C 143 4.53 -33.37 -23.47
C ASN C 143 5.53 -32.26 -23.73
N SER C 144 6.57 -32.59 -24.51
CA SER C 144 7.62 -31.63 -24.80
C SER C 144 7.20 -30.56 -25.80
N ASN C 145 6.19 -30.82 -26.62
CA ASN C 145 5.77 -29.84 -27.62
C ASN C 145 5.00 -28.70 -26.95
N SER C 146 4.97 -27.56 -27.63
CA SER C 146 4.30 -26.36 -27.14
C SER C 146 2.94 -26.22 -27.82
N ASP C 147 1.90 -26.06 -27.00
CA ASP C 147 0.54 -25.89 -27.49
C ASP C 147 -0.07 -24.65 -26.84
N SER C 148 -0.75 -23.85 -27.65
CA SER C 148 -1.33 -22.60 -27.15
C SER C 148 -2.48 -22.83 -26.17
N SER C 149 -3.05 -24.03 -26.16
CA SER C 149 -4.17 -24.33 -25.27
C SER C 149 -3.75 -24.50 -23.82
N ASN C 150 -2.46 -24.64 -23.54
CA ASN C 150 -2.01 -24.81 -22.16
C ASN C 150 -2.32 -23.58 -21.32
N GLN C 151 -2.07 -22.39 -21.86
CA GLN C 151 -2.34 -21.14 -21.16
C GLN C 151 -1.61 -21.07 -19.83
N ILE C 152 -0.35 -21.50 -19.83
CA ILE C 152 0.50 -21.51 -18.64
C ILE C 152 1.73 -20.64 -18.92
N VAL C 153 2.01 -19.72 -18.01
CA VAL C 153 3.17 -18.84 -18.12
C VAL C 153 3.99 -19.00 -16.85
N ALA C 154 5.24 -19.45 -16.99
CA ALA C 154 6.04 -19.84 -15.85
C ALA C 154 7.44 -19.24 -15.92
N VAL C 155 8.04 -19.09 -14.74
CA VAL C 155 9.45 -18.77 -14.58
C VAL C 155 10.05 -19.93 -13.82
N GLU C 156 10.92 -20.69 -14.49
CA GLU C 156 11.48 -21.91 -13.93
C GLU C 156 12.92 -21.70 -13.49
N PHE C 157 13.28 -22.35 -12.39
CA PHE C 157 14.66 -22.41 -11.90
C PHE C 157 15.11 -23.85 -12.11
N ASP C 158 15.59 -24.14 -13.32
CA ASP C 158 15.92 -25.51 -13.71
C ASP C 158 17.35 -25.82 -13.28
N THR C 159 17.48 -26.83 -12.41
CA THR C 159 18.77 -27.26 -11.89
C THR C 159 19.30 -28.52 -12.56
N TYR C 160 18.52 -29.13 -13.46
CA TYR C 160 18.90 -30.34 -14.16
C TYR C 160 19.23 -30.00 -15.61
N PHE C 161 20.49 -30.19 -15.99
CA PHE C 161 20.98 -29.83 -17.32
C PHE C 161 21.18 -31.05 -18.20
N GLY C 162 20.52 -32.16 -17.91
CA GLY C 162 20.71 -33.37 -18.69
C GLY C 162 20.33 -33.17 -20.14
N HIS C 163 21.05 -33.87 -21.01
CA HIS C 163 20.84 -33.76 -22.46
C HIS C 163 19.93 -34.84 -23.01
N SER C 164 20.04 -36.07 -22.52
CA SER C 164 19.19 -37.14 -23.02
C SER C 164 17.75 -36.96 -22.57
N TYR C 165 17.54 -36.66 -21.28
CA TYR C 165 16.18 -36.50 -20.78
C TYR C 165 15.64 -35.10 -21.04
N ASP C 166 16.50 -34.08 -21.07
CA ASP C 166 16.11 -32.69 -21.29
C ASP C 166 16.95 -32.13 -22.43
N PRO C 167 16.75 -32.61 -23.66
CA PRO C 167 17.52 -32.05 -24.78
C PRO C 167 17.26 -30.58 -25.01
N TRP C 168 16.05 -30.10 -24.70
CA TRP C 168 15.73 -28.69 -24.91
C TRP C 168 16.52 -27.77 -23.98
N ASP C 169 16.76 -28.19 -22.74
CA ASP C 169 17.43 -27.33 -21.79
C ASP C 169 18.90 -27.15 -22.18
N PRO C 170 19.51 -26.01 -21.82
CA PRO C 170 20.94 -25.82 -22.11
C PRO C 170 21.85 -26.72 -21.26
N ASN C 171 23.16 -26.58 -21.45
CA ASN C 171 24.13 -27.44 -20.79
C ASN C 171 24.31 -27.10 -19.31
N TYR C 172 23.89 -25.91 -18.88
CA TYR C 172 24.16 -25.43 -17.53
C TYR C 172 22.84 -25.20 -16.78
N ARG C 173 22.95 -25.18 -15.46
CA ARG C 173 21.82 -24.81 -14.61
C ARG C 173 21.35 -23.41 -14.99
N HIS C 174 20.04 -23.22 -15.10
CA HIS C 174 19.53 -22.00 -15.71
C HIS C 174 18.25 -21.54 -15.05
N ILE C 175 17.93 -20.27 -15.29
CA ILE C 175 16.64 -19.68 -14.97
C ILE C 175 16.00 -19.29 -16.29
N GLY C 176 14.81 -19.83 -16.55
CA GLY C 176 14.18 -19.68 -17.85
C GLY C 176 12.76 -19.18 -17.73
N ILE C 177 12.25 -18.69 -18.86
CA ILE C 177 10.88 -18.22 -18.98
C ILE C 177 10.16 -19.14 -19.96
N ASP C 178 9.06 -19.75 -19.50
CA ASP C 178 8.31 -20.72 -20.27
C ASP C 178 6.94 -20.15 -20.61
N VAL C 179 6.58 -20.22 -21.90
CA VAL C 179 5.30 -19.73 -22.39
C VAL C 179 4.67 -20.86 -23.19
N ASN C 180 3.67 -21.51 -22.60
CA ASN C 180 2.93 -22.58 -23.27
C ASN C 180 3.83 -23.71 -23.74
N GLY C 181 4.89 -23.99 -22.97
CA GLY C 181 5.79 -25.06 -23.32
C GLY C 181 7.01 -25.14 -22.43
N ILE C 182 7.59 -26.33 -22.29
CA ILE C 182 8.76 -26.50 -21.45
C ILE C 182 9.97 -25.79 -22.05
N GLU C 183 10.08 -25.74 -23.37
CA GLU C 183 11.21 -25.07 -24.01
C GLU C 183 11.13 -23.58 -23.74
N SER C 184 12.02 -23.09 -22.89
CA SER C 184 11.99 -21.69 -22.48
C SER C 184 12.40 -20.78 -23.62
N ILE C 185 11.65 -19.70 -23.80
CA ILE C 185 11.97 -18.74 -24.84
C ILE C 185 13.29 -18.05 -24.55
N LYS C 186 13.57 -17.78 -23.27
CA LYS C 186 14.81 -17.13 -22.87
C LYS C 186 15.27 -17.71 -21.54
N THR C 187 16.59 -17.96 -21.46
CA THR C 187 17.21 -18.54 -20.28
C THR C 187 18.48 -17.77 -19.95
N VAL C 188 18.86 -17.80 -18.68
CA VAL C 188 20.08 -17.18 -18.19
C VAL C 188 20.81 -18.18 -17.30
N GLN C 189 22.12 -18.26 -17.47
CA GLN C 189 22.93 -19.15 -16.64
C GLN C 189 22.83 -18.75 -15.18
N TRP C 190 22.65 -19.74 -14.31
CA TRP C 190 22.46 -19.51 -12.89
C TRP C 190 23.34 -20.46 -12.10
N ASP C 191 24.12 -19.92 -11.17
CA ASP C 191 24.99 -20.72 -10.32
C ASP C 191 24.22 -21.09 -9.05
N TRP C 192 23.86 -22.37 -8.93
CA TRP C 192 23.10 -22.85 -7.79
C TRP C 192 24.02 -23.07 -6.61
N ILE C 193 23.55 -22.72 -5.42
CA ILE C 193 24.29 -22.87 -4.18
C ILE C 193 23.50 -23.80 -3.27
N ASN C 194 24.14 -24.88 -2.84
CA ASN C 194 23.47 -25.85 -1.98
C ASN C 194 23.27 -25.26 -0.59
N GLY C 195 22.05 -25.38 -0.07
CA GLY C 195 21.73 -24.81 1.23
C GLY C 195 21.89 -23.31 1.27
N GLY C 196 21.56 -22.63 0.18
CA GLY C 196 21.67 -21.19 0.10
C GLY C 196 20.33 -20.52 -0.12
N VAL C 197 20.03 -19.49 0.66
CA VAL C 197 18.77 -18.78 0.55
C VAL C 197 18.82 -17.88 -0.67
N ALA C 198 17.81 -17.99 -1.53
CA ALA C 198 17.72 -17.21 -2.76
C ALA C 198 16.50 -16.31 -2.69
N PHE C 199 16.70 -15.03 -2.96
CA PHE C 199 15.63 -14.04 -3.00
C PHE C 199 15.29 -13.75 -4.46
N ALA C 200 14.07 -14.09 -4.87
CA ALA C 200 13.66 -13.97 -6.26
C ALA C 200 12.55 -12.94 -6.38
N THR C 201 12.55 -12.21 -7.50
CA THR C 201 11.56 -11.19 -7.79
C THR C 201 11.15 -11.29 -9.25
N ILE C 202 9.85 -11.32 -9.50
CA ILE C 202 9.29 -11.41 -10.84
C ILE C 202 8.34 -10.25 -11.04
N THR C 203 8.57 -9.47 -12.10
CA THR C 203 7.79 -8.28 -12.38
C THR C 203 7.34 -8.28 -13.83
N TYR C 204 6.04 -8.08 -14.04
CA TYR C 204 5.46 -7.97 -15.38
C TYR C 204 4.97 -6.55 -15.59
N LEU C 205 5.48 -5.90 -16.64
CA LEU C 205 5.02 -4.59 -17.08
C LEU C 205 4.15 -4.80 -18.31
N ALA C 206 2.86 -4.49 -18.19
CA ALA C 206 1.93 -4.77 -19.28
C ALA C 206 2.05 -3.77 -20.42
N PRO C 207 2.14 -2.45 -20.17
CA PRO C 207 2.26 -1.52 -21.31
C PRO C 207 3.47 -1.81 -22.19
N ASN C 208 4.57 -2.24 -21.59
CA ASN C 208 5.77 -2.61 -22.34
C ASN C 208 5.82 -4.10 -22.66
N LYS C 209 4.86 -4.89 -22.16
CA LYS C 209 4.76 -6.31 -22.48
C LYS C 209 6.06 -7.04 -22.13
N THR C 210 6.58 -6.77 -20.93
CA THR C 210 7.89 -7.26 -20.52
C THR C 210 7.76 -8.06 -19.23
N LEU C 211 8.40 -9.23 -19.20
CA LEU C 211 8.49 -10.05 -17.99
C LEU C 211 9.95 -10.10 -17.56
N ILE C 212 10.21 -9.76 -16.30
CA ILE C 212 11.55 -9.66 -15.74
C ILE C 212 11.63 -10.60 -14.55
N ALA C 213 12.67 -11.43 -14.50
CA ALA C 213 12.93 -12.33 -13.39
C ALA C 213 14.34 -12.10 -12.88
N SER C 214 14.47 -11.92 -11.57
CA SER C 214 15.75 -11.68 -10.93
C SER C 214 15.89 -12.58 -9.72
N LEU C 215 17.13 -13.02 -9.47
CA LEU C 215 17.45 -13.87 -8.33
C LEU C 215 18.72 -13.33 -7.70
N VAL C 216 18.75 -13.34 -6.36
CA VAL C 216 19.85 -12.76 -5.59
C VAL C 216 20.26 -13.74 -4.50
N TYR C 217 21.57 -13.93 -4.36
CA TYR C 217 22.17 -14.64 -3.23
C TYR C 217 22.91 -13.61 -2.38
N PRO C 218 22.33 -13.16 -1.26
CA PRO C 218 23.06 -12.23 -0.38
C PRO C 218 24.22 -12.87 0.39
N SER C 219 24.25 -14.19 0.51
CA SER C 219 25.36 -14.85 1.19
C SER C 219 26.68 -14.67 0.45
N ASN C 220 26.64 -14.74 -0.88
CA ASN C 220 27.79 -14.43 -1.72
C ASN C 220 27.60 -13.13 -2.50
N GLN C 221 26.44 -12.49 -2.39
CA GLN C 221 26.17 -11.22 -3.06
C GLN C 221 26.30 -11.38 -4.58
N THR C 222 25.49 -12.27 -5.14
CA THR C 222 25.47 -12.52 -6.58
C THR C 222 24.06 -12.32 -7.11
N THR C 223 23.96 -11.87 -8.36
CA THR C 223 22.67 -11.58 -8.98
C THR C 223 22.60 -12.20 -10.37
N PHE C 224 21.41 -12.68 -10.72
CA PHE C 224 21.14 -13.20 -12.05
C PHE C 224 19.78 -12.69 -12.51
N SER C 225 19.75 -12.01 -13.65
CA SER C 225 18.54 -11.36 -14.14
C SER C 225 18.29 -11.76 -15.59
N VAL C 226 17.01 -11.73 -15.97
CA VAL C 226 16.61 -12.05 -17.34
C VAL C 226 15.30 -11.33 -17.63
N ALA C 227 15.11 -11.00 -18.90
CA ALA C 227 13.90 -10.33 -19.36
C ALA C 227 13.43 -10.95 -20.67
N ALA C 228 12.12 -10.90 -20.90
CA ALA C 228 11.53 -11.47 -22.10
C ALA C 228 10.29 -10.67 -22.48
N SER C 229 9.88 -10.84 -23.74
CA SER C 229 8.73 -10.13 -24.30
C SER C 229 7.56 -11.11 -24.39
N VAL C 230 6.54 -10.90 -23.57
CA VAL C 230 5.34 -11.72 -23.57
C VAL C 230 4.11 -10.82 -23.47
N ASP C 231 3.01 -11.28 -24.06
CA ASP C 231 1.74 -10.57 -24.02
C ASP C 231 0.70 -11.52 -23.42
N LEU C 232 0.24 -11.20 -22.22
CA LEU C 232 -0.71 -12.05 -21.51
C LEU C 232 -2.11 -12.02 -22.11
N LYS C 233 -2.38 -11.10 -23.03
CA LYS C 233 -3.70 -11.04 -23.65
C LYS C 233 -4.00 -12.32 -24.43
N GLU C 234 -3.09 -12.74 -25.29
CA GLU C 234 -3.33 -13.89 -26.14
C GLU C 234 -3.05 -15.21 -25.42
N ILE C 235 -2.17 -15.21 -24.43
CA ILE C 235 -1.74 -16.44 -23.79
C ILE C 235 -2.72 -16.83 -22.69
N LEU C 236 -2.86 -15.97 -21.67
CA LEU C 236 -3.64 -16.33 -20.50
C LEU C 236 -5.08 -15.83 -20.63
N PRO C 237 -6.02 -16.48 -19.94
CA PRO C 237 -7.40 -15.98 -19.94
C PRO C 237 -7.57 -14.75 -19.05
N GLU C 238 -8.81 -14.27 -18.90
CA GLU C 238 -9.05 -13.09 -18.07
C GLU C 238 -8.70 -13.36 -16.62
N TRP C 239 -9.07 -14.53 -16.10
CA TRP C 239 -8.85 -14.89 -14.71
C TRP C 239 -7.87 -16.04 -14.64
N VAL C 240 -6.85 -15.90 -13.79
CA VAL C 240 -5.80 -16.90 -13.64
C VAL C 240 -5.53 -17.11 -12.15
N ARG C 241 -4.69 -18.11 -11.87
CA ARG C 241 -4.24 -18.41 -10.53
C ARG C 241 -2.71 -18.46 -10.53
N VAL C 242 -2.12 -17.87 -9.48
CA VAL C 242 -0.67 -17.79 -9.33
C VAL C 242 -0.24 -18.84 -8.32
N GLY C 243 0.99 -19.31 -8.46
CA GLY C 243 1.51 -20.24 -7.48
C GLY C 243 2.88 -20.76 -7.86
N PHE C 244 3.25 -21.85 -7.19
CA PHE C 244 4.54 -22.50 -7.36
C PHE C 244 4.34 -23.97 -7.70
N SER C 245 5.34 -24.54 -8.38
CA SER C 245 5.37 -25.97 -8.70
C SER C 245 6.78 -26.49 -8.50
N ALA C 246 6.90 -27.77 -8.23
CA ALA C 246 8.21 -28.39 -8.06
C ALA C 246 8.12 -29.88 -8.32
N ALA C 247 9.25 -30.46 -8.75
CA ALA C 247 9.30 -31.89 -9.09
C ALA C 247 10.65 -32.46 -8.70
N THR C 248 10.68 -33.80 -8.56
CA THR C 248 11.89 -34.54 -8.24
C THR C 248 11.97 -35.78 -9.11
N GLY C 249 13.18 -36.32 -9.23
CA GLY C 249 13.43 -37.45 -10.12
C GLY C 249 13.92 -38.70 -9.41
N TYR C 250 15.08 -39.21 -9.83
CA TYR C 250 15.59 -40.47 -9.30
C TYR C 250 16.06 -40.30 -7.86
N PRO C 251 16.02 -41.39 -7.07
CA PRO C 251 16.42 -41.26 -5.65
C PRO C 251 17.84 -40.79 -5.43
N THR C 252 18.77 -41.12 -6.32
CA THR C 252 20.16 -40.75 -6.10
C THR C 252 20.36 -39.25 -6.23
N GLU C 253 19.61 -38.61 -7.12
CA GLU C 253 19.78 -37.19 -7.43
C GLU C 253 18.62 -36.33 -6.88
N VAL C 254 18.08 -36.70 -5.72
CA VAL C 254 16.96 -35.95 -5.15
C VAL C 254 17.45 -34.61 -4.59
N GLU C 255 16.48 -33.74 -4.27
CA GLU C 255 16.76 -32.48 -3.61
C GLU C 255 15.51 -32.02 -2.87
N THR C 256 15.70 -31.05 -2.00
CA THR C 256 14.62 -30.44 -1.22
C THR C 256 14.37 -29.03 -1.72
N HIS C 257 13.12 -28.74 -2.06
CA HIS C 257 12.68 -27.40 -2.45
C HIS C 257 11.83 -26.83 -1.32
N ASP C 258 12.15 -25.61 -0.89
CA ASP C 258 11.45 -24.98 0.22
C ASP C 258 11.20 -23.51 -0.13
N VAL C 259 10.08 -22.98 0.37
CA VAL C 259 9.74 -21.57 0.22
C VAL C 259 9.47 -21.01 1.62
N LEU C 260 10.12 -19.90 1.95
CA LEU C 260 10.03 -19.31 3.28
C LEU C 260 9.07 -18.13 3.34
N SER C 261 9.03 -17.30 2.30
CA SER C 261 8.16 -16.14 2.27
C SER C 261 7.73 -15.89 0.83
N TRP C 262 6.64 -15.15 0.68
CA TRP C 262 6.09 -14.89 -0.64
C TRP C 262 5.15 -13.70 -0.59
N SER C 263 5.46 -12.67 -1.39
CA SER C 263 4.66 -11.46 -1.47
C SER C 263 4.26 -11.22 -2.92
N PHE C 264 3.01 -10.80 -3.12
CA PHE C 264 2.48 -10.58 -4.45
C PHE C 264 1.65 -9.30 -4.44
N THR C 265 1.69 -8.56 -5.54
CA THR C 265 0.87 -7.36 -5.70
C THR C 265 0.62 -7.13 -7.18
N SER C 266 -0.63 -6.84 -7.51
CA SER C 266 -1.03 -6.61 -8.90
C SER C 266 -2.11 -5.54 -8.93
N THR C 267 -2.07 -4.71 -9.96
CA THR C 267 -3.07 -3.67 -10.18
C THR C 267 -3.50 -3.69 -11.64
N LEU C 268 -4.77 -3.34 -11.87
CA LEU C 268 -5.36 -3.31 -13.20
C LEU C 268 -5.57 -1.85 -13.58
N GLU C 269 -4.58 -1.26 -14.23
CA GLU C 269 -4.67 0.13 -14.66
C GLU C 269 -5.54 0.25 -15.90
N ALA C 270 -6.38 1.29 -15.92
CA ALA C 270 -7.30 1.51 -17.02
C ALA C 270 -6.67 2.35 -18.11
N ASN C 271 -6.91 1.95 -19.36
CA ASN C 271 -6.42 2.68 -20.53
C ASN C 271 -7.61 3.35 -21.21
N CYS C 272 -7.55 4.67 -21.34
CA CYS C 272 -8.59 5.45 -21.99
C CYS C 272 -8.36 5.61 -23.48
N ASP C 273 -7.24 5.12 -24.01
CA ASP C 273 -6.97 5.22 -25.44
C ASP C 273 -7.92 4.34 -26.25
N SER D 30 7.86 8.62 8.41
CA SER D 30 8.97 8.17 9.31
C SER D 30 9.06 6.66 9.32
N ASP D 31 8.14 6.00 10.03
CA ASP D 31 8.14 4.54 10.07
C ASP D 31 7.89 3.95 8.69
N GLU D 32 6.95 4.53 7.94
CA GLU D 32 6.66 4.11 6.58
C GLU D 32 6.48 5.35 5.71
N LEU D 33 7.03 5.31 4.50
CA LEU D 33 6.91 6.42 3.56
C LEU D 33 6.93 5.85 2.15
N SER D 34 5.88 6.14 1.38
CA SER D 34 5.78 5.68 0.00
C SER D 34 5.19 6.79 -0.85
N PHE D 35 5.81 7.04 -2.00
CA PHE D 35 5.29 8.00 -2.96
C PHE D 35 5.61 7.54 -4.38
N THR D 36 4.88 8.10 -5.33
CA THR D 36 5.03 7.76 -6.74
C THR D 36 4.77 9.00 -7.57
N ILE D 37 5.67 9.30 -8.49
CA ILE D 37 5.56 10.43 -9.41
C ILE D 37 5.66 9.86 -10.80
N ASN D 38 4.51 9.69 -11.47
CA ASN D 38 4.51 9.22 -12.85
C ASN D 38 4.91 10.32 -13.82
N ASN D 39 4.51 11.56 -13.53
CA ASN D 39 4.82 12.71 -14.37
C ASN D 39 5.24 13.88 -13.49
N PHE D 40 6.09 14.73 -14.04
CA PHE D 40 6.62 15.89 -13.34
C PHE D 40 6.01 17.17 -13.91
N VAL D 41 6.09 18.23 -13.11
CA VAL D 41 5.53 19.53 -13.50
C VAL D 41 6.60 20.61 -13.26
N PRO D 42 6.56 21.72 -13.99
CA PRO D 42 7.54 22.78 -13.75
C PRO D 42 7.44 23.32 -12.32
N ASN D 43 8.60 23.64 -11.75
CA ASN D 43 8.70 24.22 -10.41
C ASN D 43 7.95 23.35 -9.40
N GLU D 44 8.20 22.04 -9.47
CA GLU D 44 7.54 21.09 -8.58
C GLU D 44 7.90 21.41 -7.13
N ALA D 45 6.89 21.41 -6.26
CA ALA D 45 7.09 21.87 -4.89
C ALA D 45 7.81 20.82 -4.04
N ASP D 46 7.49 19.54 -4.22
CA ASP D 46 8.03 18.50 -3.38
C ASP D 46 9.42 18.04 -3.80
N LEU D 47 10.04 18.72 -4.76
CA LEU D 47 11.39 18.41 -5.19
C LEU D 47 12.28 19.62 -4.94
N LEU D 48 13.41 19.38 -4.29
CA LEU D 48 14.41 20.41 -4.05
C LEU D 48 15.51 20.29 -5.10
N PHE D 49 15.76 21.38 -5.82
CA PHE D 49 16.72 21.41 -6.92
C PHE D 49 17.97 22.17 -6.50
N GLN D 50 19.13 21.58 -6.75
CA GLN D 50 20.42 22.21 -6.52
C GLN D 50 21.20 22.21 -7.83
N GLY D 51 21.85 23.31 -8.14
CA GLY D 51 22.56 23.44 -9.39
C GLY D 51 21.65 24.02 -10.46
N GLU D 52 21.66 23.38 -11.63
CA GLU D 52 20.92 23.85 -12.79
C GLU D 52 19.83 22.87 -13.22
N ALA D 53 19.43 21.95 -12.34
CA ALA D 53 18.36 21.02 -12.66
C ALA D 53 17.03 21.74 -12.76
N SER D 54 16.17 21.25 -13.66
CA SER D 54 14.87 21.87 -13.87
C SER D 54 13.93 20.84 -14.49
N VAL D 55 12.65 21.20 -14.55
CA VAL D 55 11.61 20.36 -15.12
C VAL D 55 11.05 21.07 -16.35
N SER D 56 11.00 20.36 -17.46
CA SER D 56 10.55 20.95 -18.71
C SER D 56 9.03 21.13 -18.72
N SER D 57 8.55 21.90 -19.70
CA SER D 57 7.12 22.08 -19.87
C SER D 57 6.43 20.78 -20.25
N THR D 58 7.12 19.90 -20.99
CA THR D 58 6.53 18.63 -21.39
C THR D 58 6.37 17.66 -20.23
N GLY D 59 6.97 17.94 -19.08
CA GLY D 59 6.85 17.10 -17.92
C GLY D 59 7.96 16.11 -17.70
N VAL D 60 9.18 16.41 -18.16
CA VAL D 60 10.33 15.54 -17.99
C VAL D 60 11.35 16.24 -17.11
N LEU D 61 11.91 15.51 -16.15
CA LEU D 61 12.84 16.07 -15.17
C LEU D 61 14.23 16.09 -15.79
N GLN D 62 14.76 17.30 -16.03
CA GLN D 62 16.03 17.50 -16.72
C GLN D 62 17.05 18.01 -15.71
N LEU D 63 18.01 17.14 -15.36
CA LEU D 63 19.09 17.53 -14.46
C LEU D 63 20.09 18.46 -15.12
N THR D 64 20.27 18.36 -16.43
CA THR D 64 21.20 19.20 -17.18
C THR D 64 20.41 20.15 -18.06
N ARG D 65 20.81 21.42 -18.07
CA ARG D 65 20.06 22.40 -18.85
C ARG D 65 20.22 22.09 -20.33
N VAL D 66 19.13 22.26 -21.08
CA VAL D 66 19.10 22.00 -22.52
C VAL D 66 18.63 23.25 -23.22
N GLU D 67 19.41 23.71 -24.20
CA GLU D 67 19.03 24.82 -25.07
C GLU D 67 18.58 24.24 -26.40
N ASN D 68 17.40 24.66 -26.86
CA ASN D 68 16.79 24.30 -28.15
C ASN D 68 17.09 22.87 -28.56
N GLY D 69 16.90 21.93 -27.63
CA GLY D 69 17.09 20.53 -27.93
C GLY D 69 18.52 20.04 -27.92
N GLN D 70 19.46 20.81 -27.38
CA GLN D 70 20.87 20.45 -27.35
C GLN D 70 21.39 20.54 -25.92
N PRO D 71 22.07 19.52 -25.40
CA PRO D 71 22.66 19.65 -24.07
C PRO D 71 23.82 20.63 -24.05
N GLN D 72 24.09 21.14 -22.86
CA GLN D 72 25.16 22.10 -22.62
C GLN D 72 26.35 21.41 -21.95
N GLN D 73 27.41 22.18 -21.72
CA GLN D 73 28.66 21.67 -21.19
C GLN D 73 28.90 22.21 -19.78
N TYR D 74 29.59 21.40 -18.97
CA TYR D 74 29.89 21.74 -17.58
C TYR D 74 28.61 22.09 -16.82
N SER D 75 27.60 21.22 -16.94
CA SER D 75 26.33 21.37 -16.25
C SER D 75 26.19 20.27 -15.21
N VAL D 76 25.91 20.67 -13.98
CA VAL D 76 25.75 19.75 -12.85
C VAL D 76 24.40 20.02 -12.21
N GLY D 77 23.63 18.96 -11.97
CA GLY D 77 22.31 19.09 -11.40
C GLY D 77 22.05 18.04 -10.34
N ARG D 78 21.23 18.40 -9.36
CA ARG D 78 20.82 17.48 -8.31
C ARG D 78 19.38 17.77 -7.93
N ALA D 79 18.61 16.71 -7.71
CA ALA D 79 17.25 16.80 -7.23
C ALA D 79 17.08 15.88 -6.03
N LEU D 80 16.31 16.33 -5.05
CA LEU D 80 16.05 15.54 -3.86
C LEU D 80 14.58 15.61 -3.50
N TYR D 81 14.11 14.57 -2.81
CA TYR D 81 12.77 14.62 -2.25
C TYR D 81 12.75 15.54 -1.03
N ALA D 82 11.65 16.29 -0.89
CA ALA D 82 11.58 17.30 0.16
C ALA D 82 11.62 16.66 1.54
N ALA D 83 10.87 15.58 1.74
CA ALA D 83 10.79 14.96 3.05
C ALA D 83 12.02 14.09 3.30
N PRO D 84 12.77 14.32 4.39
CA PRO D 84 13.84 13.38 4.73
C PRO D 84 13.29 12.01 5.08
N VAL D 85 14.10 10.99 4.83
CA VAL D 85 13.72 9.60 5.02
C VAL D 85 14.45 9.06 6.25
N ARG D 86 13.72 8.40 7.13
CA ARG D 86 14.29 7.82 8.34
C ARG D 86 14.79 6.41 8.04
N ILE D 87 16.05 6.16 8.36
CA ILE D 87 16.69 4.88 8.06
C ILE D 87 16.75 3.97 9.27
N TRP D 88 17.24 4.48 10.40
CA TRP D 88 17.45 3.67 11.59
C TRP D 88 17.26 4.51 12.84
N ASP D 89 17.11 3.82 13.97
CA ASP D 89 16.97 4.43 15.28
C ASP D 89 18.13 3.98 16.16
N ASN D 90 18.73 4.94 16.87
CA ASN D 90 19.84 4.61 17.76
C ASN D 90 19.36 3.90 19.02
N THR D 91 18.15 4.21 19.48
CA THR D 91 17.67 3.64 20.74
C THR D 91 17.21 2.20 20.55
N THR D 92 16.18 1.99 19.73
CA THR D 92 15.66 0.64 19.52
C THR D 92 16.64 -0.22 18.76
N GLY D 93 17.33 0.36 17.78
CA GLY D 93 18.20 -0.39 16.89
C GLY D 93 17.55 -0.81 15.60
N SER D 94 16.30 -0.42 15.37
CA SER D 94 15.61 -0.80 14.13
C SER D 94 16.29 -0.16 12.93
N VAL D 95 16.28 -0.87 11.81
CA VAL D 95 16.87 -0.41 10.56
C VAL D 95 15.86 -0.65 9.45
N ALA D 96 15.76 0.31 8.53
CA ALA D 96 14.75 0.28 7.49
C ALA D 96 15.26 -0.40 6.23
N SER D 97 14.37 -1.18 5.61
CA SER D 97 14.58 -1.75 4.28
C SER D 97 13.62 -1.06 3.32
N PHE D 98 14.08 -0.86 2.08
CA PHE D 98 13.31 -0.05 1.15
C PHE D 98 13.50 -0.55 -0.28
N SER D 99 12.69 -0.01 -1.17
CA SER D 99 12.75 -0.32 -2.59
C SER D 99 12.24 0.88 -3.37
N THR D 100 12.83 1.11 -4.55
CA THR D 100 12.42 2.21 -5.41
C THR D 100 12.63 1.80 -6.86
N SER D 101 11.87 2.45 -7.74
CA SER D 101 11.96 2.19 -9.17
C SER D 101 11.73 3.49 -9.92
N PHE D 102 12.41 3.63 -11.05
CA PHE D 102 12.27 4.82 -11.87
C PHE D 102 12.61 4.49 -13.32
N THR D 103 12.32 5.44 -14.21
CA THR D 103 12.62 5.33 -15.62
C THR D 103 13.43 6.55 -16.05
N PHE D 104 14.54 6.30 -16.74
CA PHE D 104 15.43 7.37 -17.15
C PHE D 104 15.91 7.13 -18.58
N VAL D 105 16.31 8.22 -19.21
CA VAL D 105 16.77 8.23 -20.59
C VAL D 105 18.09 9.00 -20.66
N VAL D 106 19.07 8.43 -21.35
CA VAL D 106 20.34 9.09 -21.62
C VAL D 106 20.50 9.15 -23.14
N LYS D 107 20.54 10.37 -23.68
CA LYS D 107 20.59 10.58 -25.12
C LYS D 107 21.68 11.59 -25.45
N ALA D 108 22.69 11.14 -26.21
CA ALA D 108 23.82 11.96 -26.57
C ALA D 108 23.86 12.17 -28.09
N PRO D 109 24.16 13.37 -28.57
CA PRO D 109 24.32 13.54 -30.03
C PRO D 109 25.42 12.68 -30.63
N ASN D 110 26.49 12.44 -29.87
CA ASN D 110 27.63 11.64 -30.34
C ASN D 110 27.64 10.31 -29.60
N PRO D 111 27.19 9.21 -30.21
CA PRO D 111 27.21 7.92 -29.50
C PRO D 111 28.61 7.42 -29.13
N ASP D 112 29.65 7.92 -29.79
CA ASP D 112 30.99 7.37 -29.59
C ASP D 112 31.46 7.62 -28.16
N ILE D 113 31.36 8.85 -27.68
CA ILE D 113 31.87 9.24 -26.37
C ILE D 113 30.78 10.00 -25.63
N THR D 114 30.65 9.75 -24.34
CA THR D 114 29.69 10.42 -23.48
C THR D 114 30.39 10.99 -22.25
N SER D 115 29.70 11.89 -21.56
CA SER D 115 30.26 12.65 -20.46
C SER D 115 29.65 12.21 -19.14
N ASP D 116 30.49 11.76 -18.21
CA ASP D 116 30.10 11.55 -16.82
C ASP D 116 28.90 10.63 -16.71
N GLY D 117 27.75 11.15 -16.29
CA GLY D 117 26.57 10.34 -16.11
C GLY D 117 25.74 10.85 -14.94
N LEU D 118 24.90 9.96 -14.43
CA LEU D 118 24.00 10.27 -13.34
C LEU D 118 24.05 9.16 -12.30
N ALA D 119 23.30 9.38 -11.22
CA ALA D 119 23.28 8.44 -10.10
C ALA D 119 22.06 8.72 -9.24
N PHE D 120 21.63 7.69 -8.52
CA PHE D 120 20.60 7.81 -7.49
C PHE D 120 21.28 7.66 -6.14
N TYR D 121 21.14 8.68 -5.29
CA TYR D 121 21.96 8.79 -4.09
C TYR D 121 21.13 9.17 -2.88
N LEU D 122 21.59 8.67 -1.73
CA LEU D 122 21.10 9.02 -0.41
C LEU D 122 22.20 9.80 0.30
N ALA D 123 21.85 10.97 0.84
CA ALA D 123 22.82 11.86 1.45
C ALA D 123 22.24 12.49 2.71
N PRO D 124 23.02 13.27 3.46
CA PRO D 124 22.44 14.00 4.58
C PRO D 124 21.45 15.03 4.09
N PRO D 125 20.46 15.41 4.91
CA PRO D 125 19.47 16.39 4.45
C PRO D 125 20.07 17.72 4.04
N ASP D 126 21.16 18.15 4.68
CA ASP D 126 21.78 19.43 4.40
C ASP D 126 22.90 19.34 3.37
N SER D 127 22.91 18.29 2.56
CA SER D 127 23.96 18.12 1.56
C SER D 127 23.81 19.16 0.45
N GLN D 128 24.94 19.72 0.02
CA GLN D 128 25.00 20.69 -1.05
C GLN D 128 26.09 20.29 -2.03
N ILE D 129 26.15 20.98 -3.16
CA ILE D 129 27.12 20.68 -4.21
C ILE D 129 28.51 21.08 -3.72
N PRO D 130 29.49 20.17 -3.68
CA PRO D 130 30.84 20.59 -3.29
C PRO D 130 31.43 21.59 -4.28
N SER D 131 32.26 22.47 -3.76
CA SER D 131 32.92 23.46 -4.59
C SER D 131 34.02 22.81 -5.42
N GLY D 132 34.35 23.45 -6.54
CA GLY D 132 35.38 22.96 -7.42
C GLY D 132 34.84 22.05 -8.51
N SER D 133 35.77 21.50 -9.28
CA SER D 133 35.42 20.60 -10.38
C SER D 133 34.77 19.35 -9.83
N VAL D 134 33.48 19.17 -10.13
CA VAL D 134 32.70 18.04 -9.66
C VAL D 134 32.08 17.27 -10.82
N SER D 135 32.60 17.47 -12.03
CA SER D 135 32.02 16.81 -13.20
C SER D 135 32.31 15.31 -13.18
N LYS D 136 33.59 14.93 -13.08
CA LYS D 136 33.97 13.53 -13.10
C LYS D 136 33.47 12.77 -11.88
N TYR D 137 33.04 13.45 -10.83
CA TYR D 137 32.52 12.82 -9.63
C TYR D 137 31.00 12.79 -9.59
N LEU D 138 30.34 13.09 -10.72
CA LEU D 138 28.88 13.04 -10.81
C LEU D 138 28.23 14.02 -9.84
N GLY D 139 28.88 15.14 -9.56
CA GLY D 139 28.30 16.15 -8.72
C GLY D 139 28.09 15.74 -7.28
N LEU D 140 28.77 14.69 -6.82
CA LEU D 140 28.63 14.19 -5.46
C LEU D 140 29.86 14.50 -4.60
N PHE D 141 31.05 14.41 -5.17
CA PHE D 141 32.30 14.67 -4.47
C PHE D 141 33.16 15.63 -5.28
N ASN D 142 34.25 16.09 -4.67
CA ASN D 142 35.27 16.83 -5.39
C ASN D 142 36.67 16.29 -5.14
N ASN D 143 36.81 15.18 -4.42
CA ASN D 143 38.09 14.53 -4.21
C ASN D 143 37.93 13.04 -4.49
N SER D 144 38.99 12.45 -5.06
CA SER D 144 38.96 11.04 -5.43
C SER D 144 39.07 10.10 -4.23
N ASN D 145 39.63 10.57 -3.12
CA ASN D 145 39.78 9.70 -1.95
C ASN D 145 38.44 9.50 -1.25
N SER D 146 38.36 8.41 -0.50
CA SER D 146 37.14 8.03 0.22
C SER D 146 37.27 8.43 1.68
N ASP D 147 36.29 9.17 2.18
CA ASP D 147 36.25 9.62 3.57
C ASP D 147 34.91 9.23 4.18
N SER D 148 34.94 8.71 5.41
CA SER D 148 33.73 8.25 6.06
C SER D 148 32.80 9.40 6.42
N SER D 149 33.30 10.64 6.46
CA SER D 149 32.48 11.78 6.82
C SER D 149 31.50 12.19 5.72
N ASN D 150 31.68 11.69 4.49
CA ASN D 150 30.78 12.08 3.42
C ASN D 150 29.35 11.60 3.69
N GLN D 151 29.19 10.37 4.17
CA GLN D 151 27.89 9.81 4.49
C GLN D 151 26.95 9.83 3.28
N ILE D 152 27.49 9.47 2.12
CA ILE D 152 26.76 9.44 0.87
C ILE D 152 26.80 8.02 0.32
N VAL D 153 25.63 7.47 -0.02
CA VAL D 153 25.53 6.13 -0.59
C VAL D 153 24.80 6.26 -1.92
N ALA D 154 25.46 5.86 -3.00
CA ALA D 154 24.95 6.12 -4.34
C ALA D 154 25.01 4.88 -5.21
N VAL D 155 24.13 4.85 -6.21
CA VAL D 155 24.17 3.89 -7.30
C VAL D 155 24.34 4.71 -8.57
N GLU D 156 25.51 4.58 -9.21
CA GLU D 156 25.86 5.39 -10.35
C GLU D 156 25.74 4.60 -11.65
N PHE D 157 25.31 5.28 -12.70
CA PHE D 157 25.29 4.74 -14.05
C PHE D 157 26.35 5.52 -14.83
N ASP D 158 27.59 5.05 -14.73
CA ASP D 158 28.73 5.77 -15.29
C ASP D 158 28.90 5.38 -16.75
N THR D 159 28.80 6.38 -17.63
CA THR D 159 28.92 6.19 -19.07
C THR D 159 30.29 6.62 -19.60
N TYR D 160 31.14 7.19 -18.76
CA TYR D 160 32.47 7.66 -19.17
C TYR D 160 33.52 6.70 -18.61
N PHE D 161 34.23 6.02 -19.49
CA PHE D 161 35.22 5.01 -19.12
C PHE D 161 36.64 5.51 -19.29
N GLY D 162 36.85 6.83 -19.27
CA GLY D 162 38.18 7.36 -19.48
C GLY D 162 39.15 6.90 -18.40
N HIS D 163 40.41 6.73 -18.81
CA HIS D 163 41.45 6.25 -17.91
C HIS D 163 42.27 7.38 -17.29
N SER D 164 42.58 8.43 -18.05
CA SER D 164 43.36 9.53 -17.51
C SER D 164 42.55 10.33 -16.50
N TYR D 165 41.30 10.68 -16.85
CA TYR D 165 40.48 11.47 -15.95
C TYR D 165 39.79 10.62 -14.89
N ASP D 166 39.46 9.37 -15.22
CA ASP D 166 38.79 8.45 -14.30
C ASP D 166 39.59 7.15 -14.23
N PRO D 167 40.79 7.20 -13.65
CA PRO D 167 41.57 5.96 -13.52
C PRO D 167 40.88 4.90 -12.67
N TRP D 168 40.07 5.30 -11.70
CA TRP D 168 39.40 4.34 -10.84
C TRP D 168 38.35 3.54 -11.60
N ASP D 169 37.64 4.17 -12.53
CA ASP D 169 36.57 3.48 -13.24
C ASP D 169 37.14 2.40 -14.16
N PRO D 170 36.37 1.33 -14.42
CA PRO D 170 36.85 0.31 -15.36
C PRO D 170 36.88 0.79 -16.81
N ASN D 171 37.26 -0.10 -17.71
CA ASN D 171 37.45 0.25 -19.11
C ASN D 171 36.13 0.41 -19.86
N TYR D 172 35.02 -0.11 -19.32
CA TYR D 172 33.74 -0.14 -20.01
C TYR D 172 32.70 0.66 -19.24
N ARG D 173 31.65 1.06 -19.96
CA ARG D 173 30.51 1.70 -19.33
C ARG D 173 29.94 0.76 -18.27
N HIS D 174 29.59 1.29 -17.11
CA HIS D 174 29.30 0.43 -15.97
C HIS D 174 28.21 1.02 -15.10
N ILE D 175 27.62 0.14 -14.28
CA ILE D 175 26.73 0.51 -13.19
C ILE D 175 27.41 0.10 -11.91
N GLY D 176 27.64 1.07 -11.02
CA GLY D 176 28.44 0.84 -9.84
C GLY D 176 27.73 1.28 -8.58
N ILE D 177 28.24 0.79 -7.46
CA ILE D 177 27.74 1.15 -6.13
C ILE D 177 28.85 1.88 -5.40
N ASP D 178 28.55 3.11 -4.96
CA ASP D 178 29.52 3.99 -4.32
C ASP D 178 29.16 4.18 -2.86
N VAL D 179 30.13 3.98 -1.98
CA VAL D 179 29.95 4.13 -0.54
C VAL D 179 31.05 5.05 -0.05
N ASN D 180 30.70 6.30 0.24
CA ASN D 180 31.63 7.29 0.79
C ASN D 180 32.85 7.48 -0.12
N GLY D 181 32.65 7.39 -1.43
CA GLY D 181 33.74 7.58 -2.36
C GLY D 181 33.34 7.29 -3.80
N ILE D 182 34.04 7.94 -4.75
CA ILE D 182 33.75 7.71 -6.16
C ILE D 182 34.12 6.30 -6.59
N GLU D 183 35.19 5.74 -6.02
CA GLU D 183 35.61 4.38 -6.37
C GLU D 183 34.54 3.39 -5.91
N SER D 184 33.82 2.82 -6.87
CA SER D 184 32.71 1.93 -6.56
C SER D 184 33.22 0.61 -6.01
N ILE D 185 32.60 0.14 -4.94
CA ILE D 185 32.98 -1.14 -4.35
C ILE D 185 32.70 -2.27 -5.32
N LYS D 186 31.59 -2.18 -6.05
CA LYS D 186 31.22 -3.20 -7.01
C LYS D 186 30.58 -2.56 -8.23
N THR D 187 30.97 -3.05 -9.41
CA THR D 187 30.50 -2.54 -10.69
C THR D 187 30.12 -3.70 -11.59
N VAL D 188 29.21 -3.43 -12.52
CA VAL D 188 28.77 -4.41 -13.51
C VAL D 188 28.78 -3.73 -14.88
N GLN D 189 29.28 -4.45 -15.88
CA GLN D 189 29.31 -3.92 -17.24
C GLN D 189 27.89 -3.66 -17.72
N TRP D 190 27.69 -2.50 -18.35
CA TRP D 190 26.38 -2.06 -18.81
C TRP D 190 26.50 -1.55 -20.23
N ASP D 191 25.64 -2.05 -21.11
CA ASP D 191 25.59 -1.62 -22.51
C ASP D 191 24.60 -0.47 -22.64
N TRP D 192 25.12 0.73 -22.84
CA TRP D 192 24.28 1.92 -22.95
C TRP D 192 23.68 2.00 -24.35
N ILE D 193 22.41 2.41 -24.41
CA ILE D 193 21.69 2.56 -25.67
C ILE D 193 21.28 4.02 -25.80
N ASN D 194 21.69 4.65 -26.90
CA ASN D 194 21.36 6.05 -27.12
C ASN D 194 19.87 6.20 -27.42
N GLY D 195 19.23 7.13 -26.74
CA GLY D 195 17.80 7.33 -26.92
C GLY D 195 16.97 6.14 -26.53
N GLY D 196 17.41 5.41 -25.50
CA GLY D 196 16.71 4.23 -25.04
C GLY D 196 16.19 4.38 -23.62
N VAL D 197 14.93 4.03 -23.42
CA VAL D 197 14.33 4.15 -22.09
C VAL D 197 14.82 3.00 -21.22
N ALA D 198 15.32 3.34 -20.03
CA ALA D 198 15.86 2.37 -19.09
C ALA D 198 15.02 2.37 -17.83
N PHE D 199 14.58 1.19 -17.41
CA PHE D 199 13.80 1.01 -16.18
C PHE D 199 14.73 0.46 -15.11
N ALA D 200 14.96 1.24 -14.05
CA ALA D 200 15.90 0.90 -13.00
C ALA D 200 15.16 0.67 -11.69
N THR D 201 15.66 -0.28 -10.90
CA THR D 201 15.10 -0.62 -9.60
C THR D 201 16.23 -0.83 -8.61
N ILE D 202 16.12 -0.18 -7.46
CA ILE D 202 17.12 -0.29 -6.39
C ILE D 202 16.40 -0.71 -5.11
N THR D 203 16.87 -1.81 -4.52
CA THR D 203 16.26 -2.39 -3.34
C THR D 203 17.32 -2.64 -2.28
N TYR D 204 17.06 -2.17 -1.06
CA TYR D 204 17.93 -2.41 0.08
C TYR D 204 17.20 -3.29 1.08
N LEU D 205 17.81 -4.43 1.41
CA LEU D 205 17.34 -5.33 2.45
C LEU D 205 18.24 -5.13 3.66
N ALA D 206 17.65 -4.61 4.75
CA ALA D 206 18.46 -4.28 5.92
C ALA D 206 18.85 -5.51 6.74
N PRO D 207 17.95 -6.46 7.01
CA PRO D 207 18.37 -7.64 7.79
C PRO D 207 19.53 -8.40 7.15
N ASN D 208 19.56 -8.46 5.82
CA ASN D 208 20.66 -9.09 5.09
C ASN D 208 21.74 -8.10 4.68
N LYS D 209 21.54 -6.81 4.93
CA LYS D 209 22.54 -5.79 4.66
C LYS D 209 22.98 -5.81 3.19
N THR D 210 22.00 -5.89 2.30
CA THR D 210 22.25 -6.08 0.87
C THR D 210 21.63 -4.96 0.08
N LEU D 211 22.39 -4.41 -0.87
CA LEU D 211 21.90 -3.41 -1.82
C LEU D 211 21.93 -4.02 -3.21
N ILE D 212 20.80 -3.97 -3.90
CA ILE D 212 20.63 -4.58 -5.21
C ILE D 212 20.21 -3.49 -6.19
N ALA D 213 20.88 -3.42 -7.33
CA ALA D 213 20.54 -2.48 -8.39
C ALA D 213 20.34 -3.24 -9.69
N SER D 214 19.23 -2.99 -10.36
CA SER D 214 18.90 -3.66 -11.62
C SER D 214 18.45 -2.62 -12.63
N LEU D 215 18.80 -2.87 -13.90
CA LEU D 215 18.43 -2.00 -15.01
C LEU D 215 17.93 -2.88 -16.15
N VAL D 216 16.87 -2.42 -16.82
CA VAL D 216 16.21 -3.19 -17.87
C VAL D 216 15.97 -2.28 -19.06
N TYR D 217 16.28 -2.80 -20.25
CA TYR D 217 15.90 -2.19 -21.52
C TYR D 217 14.84 -3.08 -22.16
N PRO D 218 13.55 -2.72 -22.10
CA PRO D 218 12.52 -3.50 -22.78
C PRO D 218 12.53 -3.38 -24.29
N SER D 219 13.17 -2.35 -24.85
CA SER D 219 13.25 -2.22 -26.30
C SER D 219 14.07 -3.33 -26.92
N ASN D 220 15.16 -3.74 -26.27
CA ASN D 220 15.94 -4.90 -26.69
C ASN D 220 15.81 -6.05 -25.70
N GLN D 221 15.10 -5.87 -24.60
CA GLN D 221 14.88 -6.92 -23.60
C GLN D 221 16.21 -7.40 -23.04
N THR D 222 16.95 -6.48 -22.43
CA THR D 222 18.23 -6.80 -21.80
C THR D 222 18.21 -6.36 -20.34
N THR D 223 18.93 -7.08 -19.50
CA THR D 223 18.95 -6.83 -18.07
C THR D 223 20.39 -6.80 -17.56
N PHE D 224 20.64 -5.92 -16.61
CA PHE D 224 21.93 -5.83 -15.93
C PHE D 224 21.68 -5.63 -14.44
N SER D 225 22.22 -6.54 -13.63
CA SER D 225 21.97 -6.55 -12.19
C SER D 225 23.29 -6.63 -11.43
N VAL D 226 23.27 -6.08 -10.21
CA VAL D 226 24.44 -6.10 -9.34
C VAL D 226 23.96 -6.04 -7.89
N ALA D 227 24.76 -6.63 -7.00
CA ALA D 227 24.47 -6.63 -5.58
C ALA D 227 25.74 -6.37 -4.79
N ALA D 228 25.57 -5.78 -3.61
CA ALA D 228 26.70 -5.43 -2.76
C ALA D 228 26.28 -5.51 -1.30
N SER D 229 27.27 -5.61 -0.42
CA SER D 229 27.05 -5.70 1.02
C SER D 229 27.39 -4.35 1.66
N VAL D 230 26.36 -3.67 2.15
CA VAL D 230 26.52 -2.38 2.82
C VAL D 230 25.65 -2.37 4.07
N ASP D 231 26.11 -1.62 5.08
CA ASP D 231 25.38 -1.44 6.33
C ASP D 231 25.16 0.05 6.55
N LEU D 232 23.91 0.49 6.44
CA LEU D 232 23.58 1.90 6.55
C LEU D 232 23.71 2.43 7.97
N LYS D 233 23.88 1.55 8.96
CA LYS D 233 24.02 2.00 10.35
C LYS D 233 25.26 2.88 10.50
N GLU D 234 26.41 2.38 10.04
CA GLU D 234 27.66 3.10 10.24
C GLU D 234 27.88 4.20 9.21
N ILE D 235 27.30 4.06 8.03
CA ILE D 235 27.56 4.99 6.93
C ILE D 235 26.65 6.21 7.05
N LEU D 236 25.34 6.00 6.98
CA LEU D 236 24.41 7.11 6.91
C LEU D 236 23.89 7.48 8.30
N PRO D 237 23.46 8.72 8.49
CA PRO D 237 22.84 9.10 9.77
C PRO D 237 21.43 8.57 9.90
N GLU D 238 20.74 8.93 11.00
CA GLU D 238 19.38 8.47 11.21
C GLU D 238 18.45 9.00 10.13
N TRP D 239 18.58 10.27 9.76
CA TRP D 239 17.71 10.92 8.79
C TRP D 239 18.53 11.28 7.55
N VAL D 240 18.02 10.91 6.38
CA VAL D 240 18.70 11.14 5.12
C VAL D 240 17.69 11.68 4.11
N ARG D 241 18.21 12.08 2.95
CA ARG D 241 17.41 12.54 1.83
C ARG D 241 17.81 11.74 0.59
N VAL D 242 16.79 11.34 -0.18
CA VAL D 242 16.97 10.54 -1.39
C VAL D 242 16.85 11.45 -2.59
N GLY D 243 17.52 11.09 -3.68
CA GLY D 243 17.36 11.86 -4.89
C GLY D 243 18.29 11.37 -5.99
N PHE D 244 18.44 12.24 -7.00
CA PHE D 244 19.25 11.96 -8.18
C PHE D 244 20.27 13.07 -8.38
N SER D 245 21.37 12.72 -9.04
CA SER D 245 22.42 13.67 -9.41
C SER D 245 22.89 13.35 -10.82
N ALA D 246 23.40 14.37 -11.51
CA ALA D 246 23.93 14.17 -12.86
C ALA D 246 24.93 15.27 -13.18
N ALA D 247 25.85 14.94 -14.09
CA ALA D 247 26.92 15.87 -14.45
C ALA D 247 27.25 15.71 -15.93
N THR D 248 27.87 16.75 -16.50
CA THR D 248 28.32 16.76 -17.89
C THR D 248 29.72 17.35 -17.97
N GLY D 249 30.41 17.06 -19.07
CA GLY D 249 31.79 17.47 -19.24
C GLY D 249 32.02 18.40 -20.42
N TYR D 250 32.92 17.99 -21.32
CA TYR D 250 33.31 18.86 -22.43
C TYR D 250 32.18 19.00 -23.44
N PRO D 251 32.14 20.11 -24.18
CA PRO D 251 31.02 20.31 -25.13
C PRO D 251 30.93 19.24 -26.20
N THR D 252 32.06 18.68 -26.65
CA THR D 252 32.02 17.72 -27.74
C THR D 252 31.34 16.42 -27.31
N GLU D 253 31.52 16.03 -26.04
CA GLU D 253 31.03 14.75 -25.53
C GLU D 253 29.85 14.92 -24.57
N VAL D 254 28.98 15.90 -24.83
CA VAL D 254 27.85 16.15 -23.94
C VAL D 254 26.78 15.07 -24.13
N GLU D 255 25.82 15.06 -23.20
CA GLU D 255 24.67 14.17 -23.30
C GLU D 255 23.52 14.77 -22.48
N THR D 256 22.33 14.24 -22.71
CA THR D 256 21.12 14.65 -22.02
C THR D 256 20.68 13.53 -21.08
N HIS D 257 20.49 13.87 -19.81
CA HIS D 257 19.97 12.96 -18.80
C HIS D 257 18.55 13.39 -18.46
N ASP D 258 17.62 12.45 -18.50
CA ASP D 258 16.21 12.74 -18.25
C ASP D 258 15.62 11.64 -17.37
N VAL D 259 14.66 12.02 -16.52
CA VAL D 259 13.92 11.09 -15.69
C VAL D 259 12.44 11.31 -15.94
N LEU D 260 11.71 10.22 -16.23
CA LEU D 260 10.31 10.29 -16.59
C LEU D 260 9.38 9.94 -15.44
N SER D 261 9.75 8.96 -14.61
CA SER D 261 8.92 8.55 -13.49
C SER D 261 9.83 8.09 -12.36
N TRP D 262 9.29 8.08 -11.15
CA TRP D 262 10.07 7.71 -9.98
C TRP D 262 9.14 7.33 -8.84
N SER D 263 9.30 6.10 -8.34
CA SER D 263 8.51 5.60 -7.22
C SER D 263 9.44 5.12 -6.13
N PHE D 264 9.08 5.41 -4.88
CA PHE D 264 9.88 5.06 -3.72
C PHE D 264 8.97 4.55 -2.62
N THR D 265 9.46 3.58 -1.86
CA THR D 265 8.74 3.06 -0.71
C THR D 265 9.74 2.49 0.30
N SER D 266 9.54 2.84 1.56
CA SER D 266 10.42 2.40 2.63
C SER D 266 9.60 2.17 3.89
N THR D 267 9.99 1.16 4.65
CA THR D 267 9.35 0.83 5.93
C THR D 267 10.42 0.56 6.97
N LEU D 268 10.12 0.92 8.21
CA LEU D 268 11.02 0.75 9.35
C LEU D 268 10.46 -0.38 10.21
N GLU D 269 10.91 -1.60 9.95
CA GLU D 269 10.46 -2.75 10.70
C GLU D 269 11.18 -2.81 12.05
N ALA D 270 10.43 -3.15 13.10
CA ALA D 270 10.96 -3.19 14.45
C ALA D 270 11.53 -4.56 14.76
N ASN D 271 12.69 -4.58 15.42
CA ASN D 271 13.35 -5.80 15.85
C ASN D 271 13.24 -5.91 17.36
N CYS D 272 12.63 -7.00 17.84
CA CYS D 272 12.48 -7.24 19.27
C CYS D 272 13.64 -8.03 19.87
N ASP D 273 14.60 -8.44 19.06
CA ASP D 273 15.76 -9.17 19.57
C ASP D 273 16.65 -8.26 20.40
#